data_8QWD
#
_entry.id   8QWD
#
_cell.length_a   1.00
_cell.length_b   1.00
_cell.length_c   1.00
_cell.angle_alpha   90.00
_cell.angle_beta   90.00
_cell.angle_gamma   90.00
#
_symmetry.space_group_name_H-M   'P 1'
#
loop_
_entity.id
_entity.type
_entity.pdbx_description
1 polymer ReChb
2 non-polymer 'MAGNESIUM ION'
3 water water
#
_entity_poly.entity_id   1
_entity_poly.type   'polypeptide(L)'
_entity_poly.pdbx_seq_one_letter_code
;GPKMFSNFTNQYPLSKTLRFELKPVGKTLEHIEKKGLLEQDEKRAEDYKKVKKIIDEYHKDFIEEALNNVKLNGEGLEEY
YELYFKKNKDDKDKKKKEFEKIQDNLRKQIVEAFKNHEKYKNLFKKELIKEDLPNWLKNSEDTGEEDKETVEKFKNFTTY
FTGFHENRKNMYSDEEKSTAIAYRLIHENLPKFLDNMKVFEKIKEKHPEAEQLEKTLKDLGEEEVLGGNNVEDIFSLDYF
NHTLTQSGIDIYNTIIGGKTEEDGNKKIQGLNEYINLYRQKNNEKNRKLPKLKPLYKQILSDRESLSFIPEAFENDEELL
EAIEEFYENLNFSNNNEATNVLEKLKELLSNLADYDLNKIYIRNDTSLTDISQKIFGDWSVIKDALNAHYDQTYPKKKKK
KSKEKLEEKREKWLKKQKYFSIAELQEALDSYCKESDESKEQKENSIADYFKTLAQTKNETDKKTDLIENIKSKYQYPND
KKLAQDKEFKDVEKIKAFLDSIMNLQHFVKPLHLVKGGSAGAEMEKDEAFYSEFEALYEELSQVIPLYNKVRNYLTQKPY
STEKIKLNFENSTLLDGWDVNKETDNTSVLLRKDGLYYLGIMNKKHNKVFENIPESNENDKCYEKMDYKLLPGANKMLPK
VFFSNKNIDYFNPSAEILEIYENGTHKKSGDNFNLDDCHKLIDFFKESINKHEDWKKFGFKFSPTSSYEDISGFYREVEQ
QGYKISFKNISESYIDELVDEGKLYLFQIYNKDFSPYSKGKPNLHTLYWKALFDEENLKDVVYKLNGEAEVFYRKASINE
TIVHKANEPIKNKNPLNPKKQSTFEYDIIKDRRYTVDKFQFHVPITMNFKAEGNSNINDEVNEFLKGNAPDVNIIGIDRG
ERHLLYLTLIDQKGKIVEQDSLNTITNEHNETDYHALLDDKEKERDKARKSWGTIENIKELKEGYLSQVVHKIAKLMVEH
NAIVVMEDLNFGFKRGRFKVEKQVYQKFEKMLIDKLNYLVDKDKEPNEPGGLLNAYQLTNKFESFQKMGKQSGFLFYVPA
WNTSKIDPTTGFVNLFHPRYENVEKAKEFFNKFDSIRYNSEKDYFEFAFDYNNFTEKAEGTKWTVCTYGERIKTYRNADK
NNQWDSKEVNVTEEFKNLFDEYNIDYKNGNDLKEAILSQDDADFFKSLLHLLRLTLQMRNSITGTEIDYIISPVANENGE
FFDSRKADESLPKDADANGAYHIARKGLWVLEQIKQTDDLKKVNLAISNKEWLEFVQERKN
;
_entity_poly.pdbx_strand_id   A
#
# COMPACT_ATOMS: atom_id res chain seq x y z
N GLY A 1 35.12 10.43 -13.28
CA GLY A 1 35.18 11.87 -13.10
C GLY A 1 35.55 12.28 -11.68
N PRO A 2 34.58 12.25 -10.78
CA PRO A 2 34.85 12.60 -9.38
C PRO A 2 35.83 11.62 -8.75
N LYS A 3 36.63 12.14 -7.81
CA LYS A 3 37.65 11.31 -7.19
C LYS A 3 37.05 10.27 -6.25
N MET A 4 36.07 10.66 -5.45
CA MET A 4 35.48 9.70 -4.50
C MET A 4 34.64 8.66 -5.23
N PHE A 5 33.78 9.11 -6.15
CA PHE A 5 32.87 8.20 -6.83
C PHE A 5 33.59 7.18 -7.69
N SER A 6 34.85 7.44 -8.05
CA SER A 6 35.59 6.51 -8.89
C SER A 6 35.82 5.18 -8.19
N ASN A 7 36.06 5.22 -6.88
CA ASN A 7 36.39 4.00 -6.15
C ASN A 7 35.16 3.11 -5.91
N PHE A 8 33.96 3.65 -6.02
CA PHE A 8 32.73 2.88 -5.78
C PHE A 8 32.16 2.44 -7.12
N THR A 9 32.78 1.41 -7.69
CA THR A 9 32.35 0.85 -8.97
C THR A 9 31.83 -0.57 -8.84
N ASN A 10 32.61 -1.48 -8.26
CA ASN A 10 32.23 -2.87 -8.08
C ASN A 10 32.07 -3.11 -6.58
N GLN A 11 30.87 -2.93 -6.07
CA GLN A 11 30.60 -3.05 -4.63
C GLN A 11 29.79 -4.28 -4.27
N TYR A 12 28.74 -4.60 -5.02
CA TYR A 12 27.89 -5.73 -4.67
C TYR A 12 27.03 -6.11 -5.86
N PRO A 13 26.78 -7.40 -6.09
CA PRO A 13 25.93 -7.79 -7.22
C PRO A 13 24.50 -7.32 -7.02
N LEU A 14 23.85 -7.01 -8.14
CA LEU A 14 22.47 -6.54 -8.14
C LEU A 14 21.65 -7.42 -9.07
N SER A 15 20.35 -7.46 -8.84
CA SER A 15 19.45 -8.26 -9.66
C SER A 15 18.36 -7.36 -10.24
N LYS A 16 18.05 -7.59 -11.52
CA LYS A 16 17.03 -6.82 -12.22
C LYS A 16 16.11 -7.77 -12.97
N THR A 17 14.99 -7.24 -13.43
CA THR A 17 14.01 -8.00 -14.21
C THR A 17 13.62 -7.15 -15.42
N LEU A 18 14.26 -7.40 -16.55
CA LEU A 18 13.97 -6.64 -17.76
C LEU A 18 12.59 -6.98 -18.30
N ARG A 19 11.92 -5.97 -18.85
CA ARG A 19 10.58 -6.13 -19.40
C ARG A 19 10.59 -5.72 -20.86
N PHE A 20 10.11 -6.62 -21.72
CA PHE A 20 10.08 -6.41 -23.16
C PHE A 20 8.72 -6.82 -23.71
N GLU A 21 8.45 -6.39 -24.93
CA GLU A 21 7.21 -6.72 -25.63
C GLU A 21 7.53 -7.63 -26.80
N LEU A 22 6.79 -8.73 -26.92
CA LEU A 22 6.99 -9.71 -27.97
C LEU A 22 5.87 -9.59 -29.00
N LYS A 23 6.24 -9.53 -30.27
CA LYS A 23 5.24 -9.66 -31.33
C LYS A 23 5.52 -10.92 -32.12
N PRO A 24 4.53 -11.80 -32.29
CA PRO A 24 4.78 -13.05 -33.02
C PRO A 24 5.17 -12.76 -34.47
N VAL A 25 5.98 -13.67 -35.02
CA VAL A 25 6.50 -13.55 -36.38
C VAL A 25 5.98 -14.72 -37.18
N GLY A 26 5.32 -14.42 -38.30
CA GLY A 26 4.85 -15.46 -39.20
C GLY A 26 3.65 -16.23 -38.69
N LYS A 27 3.71 -17.56 -38.83
CA LYS A 27 2.60 -18.44 -38.47
C LYS A 27 2.38 -18.52 -36.96
N THR A 28 3.32 -18.01 -36.16
CA THR A 28 3.24 -18.17 -34.71
C THR A 28 1.91 -17.67 -34.14
N LEU A 29 1.40 -16.56 -34.67
CA LEU A 29 0.12 -16.05 -34.18
C LEU A 29 -1.00 -17.05 -34.43
N GLU A 30 -1.07 -17.59 -35.66
CA GLU A 30 -2.13 -18.55 -35.96
C GLU A 30 -1.98 -19.82 -35.14
N HIS A 31 -0.75 -20.29 -34.97
CA HIS A 31 -0.54 -21.52 -34.21
C HIS A 31 -0.90 -21.34 -32.75
N ILE A 32 -0.50 -20.21 -32.14
CA ILE A 32 -0.86 -19.97 -30.75
C ILE A 32 -2.34 -19.67 -30.59
N GLU A 33 -3.00 -19.18 -31.64
CA GLU A 33 -4.44 -18.98 -31.57
C GLU A 33 -5.19 -20.31 -31.62
N LYS A 34 -4.80 -21.19 -32.52
CA LYS A 34 -5.52 -22.44 -32.71
C LYS A 34 -5.12 -23.49 -31.68
N LYS A 35 -3.84 -23.87 -31.67
CA LYS A 35 -3.38 -24.90 -30.74
C LYS A 35 -3.28 -24.38 -29.31
N GLY A 36 -3.19 -23.07 -29.12
CA GLY A 36 -3.06 -22.52 -27.77
C GLY A 36 -1.66 -22.67 -27.21
N LEU A 37 -1.59 -22.66 -25.89
CA LEU A 37 -0.34 -22.83 -25.17
C LEU A 37 0.02 -24.31 -25.11
N LEU A 38 1.00 -24.66 -24.27
CA LEU A 38 1.43 -26.04 -24.10
C LEU A 38 0.24 -26.97 -23.91
N GLU A 39 0.08 -27.92 -24.83
CA GLU A 39 -1.15 -28.71 -24.89
C GLU A 39 -1.22 -29.78 -23.81
N GLN A 40 -0.09 -30.36 -23.41
CA GLN A 40 -0.12 -31.41 -22.40
C GLN A 40 -0.62 -30.88 -21.06
N ASP A 41 -0.17 -29.68 -20.67
CA ASP A 41 -0.63 -29.09 -19.42
C ASP A 41 -2.10 -28.70 -19.52
N GLU A 42 -2.54 -28.23 -20.69
CA GLU A 42 -3.95 -27.91 -20.87
C GLU A 42 -4.82 -29.14 -20.74
N LYS A 43 -4.39 -30.27 -21.33
CA LYS A 43 -5.15 -31.50 -21.21
C LYS A 43 -5.15 -32.01 -19.77
N ARG A 44 -4.01 -31.90 -19.08
CA ARG A 44 -3.96 -32.30 -17.68
C ARG A 44 -4.91 -31.45 -16.83
N ALA A 45 -4.94 -30.14 -17.08
CA ALA A 45 -5.86 -29.27 -16.34
C ALA A 45 -7.31 -29.58 -16.67
N GLU A 46 -7.60 -29.92 -17.93
CA GLU A 46 -8.96 -30.29 -18.30
C GLU A 46 -9.41 -31.56 -17.59
N ASP A 47 -8.52 -32.57 -17.55
CA ASP A 47 -8.86 -33.80 -16.83
C ASP A 47 -9.01 -33.55 -15.34
N TYR A 48 -8.17 -32.68 -14.77
CA TYR A 48 -8.29 -32.33 -13.36
C TYR A 48 -9.61 -31.64 -13.08
N LYS A 49 -10.03 -30.75 -13.98
CA LYS A 49 -11.33 -30.10 -13.83
C LYS A 49 -12.47 -31.09 -13.92
N LYS A 50 -12.36 -32.06 -14.84
CA LYS A 50 -13.40 -33.07 -14.98
C LYS A 50 -13.52 -33.90 -13.71
N VAL A 51 -12.39 -34.40 -13.18
CA VAL A 51 -12.46 -35.22 -11.98
C VAL A 51 -12.90 -34.39 -10.78
N LYS A 52 -12.51 -33.11 -10.73
CA LYS A 52 -12.98 -32.24 -9.66
C LYS A 52 -14.49 -32.02 -9.75
N LYS A 53 -15.02 -31.89 -10.96
CA LYS A 53 -16.47 -31.78 -11.12
C LYS A 53 -17.18 -33.04 -10.65
N ILE A 54 -16.62 -34.21 -10.99
CA ILE A 54 -17.22 -35.46 -10.52
C ILE A 54 -17.19 -35.53 -8.99
N ILE A 55 -16.06 -35.14 -8.40
CA ILE A 55 -15.94 -35.15 -6.94
C ILE A 55 -16.94 -34.18 -6.31
N ASP A 56 -17.10 -32.99 -6.91
CA ASP A 56 -18.05 -32.02 -6.39
C ASP A 56 -19.48 -32.53 -6.47
N GLU A 57 -19.83 -33.19 -7.58
CA GLU A 57 -21.16 -33.76 -7.70
C GLU A 57 -21.40 -34.84 -6.65
N TYR A 58 -20.40 -35.71 -6.44
CA TYR A 58 -20.53 -36.75 -5.42
C TYR A 58 -20.68 -36.13 -4.03
N HIS A 59 -19.89 -35.11 -3.73
CA HIS A 59 -19.98 -34.44 -2.45
C HIS A 59 -21.35 -33.79 -2.26
N LYS A 60 -21.88 -33.16 -3.31
CA LYS A 60 -23.17 -32.50 -3.22
C LYS A 60 -24.28 -33.51 -2.96
N ASP A 61 -24.29 -34.63 -3.70
CA ASP A 61 -25.35 -35.61 -3.47
C ASP A 61 -25.23 -36.25 -2.09
N PHE A 62 -23.99 -36.51 -1.64
CA PHE A 62 -23.81 -37.03 -0.29
C PHE A 62 -24.28 -36.05 0.76
N ILE A 63 -24.00 -34.76 0.56
CA ILE A 63 -24.43 -33.74 1.51
C ILE A 63 -25.95 -33.68 1.58
N GLU A 64 -26.60 -33.71 0.41
CA GLU A 64 -28.07 -33.68 0.39
C GLU A 64 -28.65 -34.91 1.07
N GLU A 65 -28.08 -36.08 0.80
CA GLU A 65 -28.56 -37.30 1.44
C GLU A 65 -28.41 -37.23 2.95
N ALA A 66 -27.24 -36.76 3.43
CA ALA A 66 -27.02 -36.66 4.87
C ALA A 66 -27.97 -35.65 5.51
N LEU A 67 -28.20 -34.51 4.84
CA LEU A 67 -29.08 -33.49 5.40
C LEU A 67 -30.55 -33.87 5.31
N ASN A 68 -30.91 -34.83 4.47
CA ASN A 68 -32.29 -35.27 4.39
C ASN A 68 -32.77 -36.01 5.64
N ASN A 69 -31.87 -36.38 6.55
CA ASN A 69 -32.24 -37.15 7.73
C ASN A 69 -32.20 -36.36 9.02
N VAL A 70 -31.58 -35.17 9.04
CA VAL A 70 -31.46 -34.42 10.29
C VAL A 70 -32.84 -33.96 10.74
N LYS A 71 -33.09 -34.07 12.04
CA LYS A 71 -34.37 -33.71 12.63
C LYS A 71 -34.21 -32.53 13.59
N LEU A 72 -35.24 -31.69 13.64
CA LEU A 72 -35.19 -30.51 14.50
C LEU A 72 -35.17 -30.89 15.98
N ASN A 73 -35.91 -31.92 16.36
CA ASN A 73 -35.99 -32.29 17.77
C ASN A 73 -34.62 -32.68 18.32
N GLY A 74 -33.85 -33.46 17.55
CA GLY A 74 -32.51 -33.80 17.98
C GLY A 74 -31.59 -32.60 18.03
N GLU A 75 -31.74 -31.69 17.05
CA GLU A 75 -30.90 -30.50 17.03
C GLU A 75 -31.19 -29.57 18.21
N GLY A 76 -32.48 -29.34 18.51
CA GLY A 76 -32.85 -28.45 19.57
C GLY A 76 -33.15 -27.02 19.14
N LEU A 77 -33.54 -26.83 17.88
CA LEU A 77 -33.83 -25.48 17.39
C LEU A 77 -35.15 -24.95 17.90
N GLU A 78 -36.02 -25.82 18.44
CA GLU A 78 -37.33 -25.37 18.90
C GLU A 78 -37.20 -24.38 20.05
N GLU A 79 -36.30 -24.64 21.01
CA GLU A 79 -36.03 -23.68 22.07
C GLU A 79 -35.04 -22.61 21.63
N TYR A 80 -34.33 -22.84 20.53
CA TYR A 80 -33.37 -21.84 20.03
C TYR A 80 -34.07 -20.69 19.32
N TYR A 81 -35.22 -20.95 18.69
CA TYR A 81 -35.92 -19.89 17.97
C TYR A 81 -36.34 -18.76 18.91
N GLU A 82 -36.86 -19.12 20.09
CA GLU A 82 -37.32 -18.12 21.05
C GLU A 82 -36.15 -17.24 21.51
N LEU A 83 -35.02 -17.85 21.82
CA LEU A 83 -33.84 -17.07 22.20
C LEU A 83 -33.32 -16.23 21.03
N TYR A 84 -33.49 -16.72 19.79
CA TYR A 84 -33.01 -15.97 18.64
C TYR A 84 -33.84 -14.71 18.41
N PHE A 85 -35.18 -14.84 18.46
CA PHE A 85 -36.02 -13.67 18.22
C PHE A 85 -36.33 -12.89 19.49
N LYS A 86 -35.79 -13.31 20.65
CA LYS A 86 -35.99 -12.55 21.88
C LYS A 86 -35.30 -11.19 21.83
N LYS A 87 -34.30 -11.01 20.96
CA LYS A 87 -33.60 -9.76 20.69
C LYS A 87 -32.98 -9.13 21.93
N ASN A 88 -32.87 -9.87 23.03
CA ASN A 88 -32.29 -9.34 24.26
C ASN A 88 -30.77 -9.40 24.28
N LYS A 89 -30.14 -9.94 23.23
CA LYS A 89 -28.69 -10.01 23.19
C LYS A 89 -28.05 -8.62 23.18
N ASP A 90 -28.73 -7.62 22.60
CA ASP A 90 -28.17 -6.28 22.55
C ASP A 90 -28.05 -5.66 23.93
N ASP A 91 -29.05 -5.91 24.79
CA ASP A 91 -29.08 -5.25 26.10
C ASP A 91 -27.90 -5.67 26.97
N LYS A 92 -27.60 -6.96 27.01
CA LYS A 92 -26.53 -7.49 27.86
C LYS A 92 -25.62 -8.39 27.04
N ASP A 93 -24.31 -8.26 27.27
CA ASP A 93 -23.35 -9.10 26.55
C ASP A 93 -23.41 -10.55 26.99
N LYS A 94 -23.87 -10.83 28.22
CA LYS A 94 -24.00 -12.21 28.66
C LYS A 94 -25.01 -12.98 27.83
N LYS A 95 -26.15 -12.34 27.51
CA LYS A 95 -27.13 -12.98 26.65
C LYS A 95 -26.58 -13.22 25.26
N LYS A 96 -25.81 -12.26 24.73
CA LYS A 96 -25.21 -12.43 23.41
C LYS A 96 -24.21 -13.58 23.40
N LYS A 97 -23.39 -13.70 24.45
CA LYS A 97 -22.42 -14.79 24.49
C LYS A 97 -23.10 -16.13 24.71
N GLU A 98 -24.20 -16.17 25.46
CA GLU A 98 -24.97 -17.41 25.60
C GLU A 98 -25.58 -17.81 24.26
N PHE A 99 -26.10 -16.83 23.51
CA PHE A 99 -26.64 -17.11 22.18
C PHE A 99 -25.55 -17.64 21.25
N GLU A 100 -24.35 -17.04 21.31
CA GLU A 100 -23.26 -17.52 20.48
C GLU A 100 -22.83 -18.94 20.86
N LYS A 101 -22.82 -19.24 22.17
CA LYS A 101 -22.50 -20.59 22.62
C LYS A 101 -23.53 -21.60 22.14
N ILE A 102 -24.81 -21.24 22.21
CA ILE A 102 -25.86 -22.14 21.72
C ILE A 102 -25.74 -22.34 20.22
N GLN A 103 -25.40 -21.27 19.50
CA GLN A 103 -25.20 -21.39 18.05
C GLN A 103 -24.03 -22.32 17.74
N ASP A 104 -22.95 -22.21 18.51
CA ASP A 104 -21.81 -23.10 18.33
C ASP A 104 -22.19 -24.54 18.61
N ASN A 105 -22.99 -24.78 19.66
CA ASN A 105 -23.44 -26.13 19.96
C ASN A 105 -24.29 -26.70 18.83
N LEU A 106 -25.19 -25.87 18.28
CA LEU A 106 -26.03 -26.33 17.18
C LEU A 106 -25.21 -26.60 15.93
N ARG A 107 -24.22 -25.77 15.65
CA ARG A 107 -23.36 -26.00 14.49
C ARG A 107 -22.54 -27.28 14.66
N LYS A 108 -22.09 -27.55 15.89
CA LYS A 108 -21.39 -28.81 16.16
C LYS A 108 -22.32 -30.00 15.96
N GLN A 109 -23.57 -29.89 16.42
CA GLN A 109 -24.53 -30.95 16.22
C GLN A 109 -24.80 -31.18 14.73
N ILE A 110 -24.83 -30.09 13.96
CA ILE A 110 -25.04 -30.22 12.52
C ILE A 110 -23.87 -30.91 11.85
N VAL A 111 -22.64 -30.49 12.18
CA VAL A 111 -21.47 -31.01 11.48
C VAL A 111 -21.05 -32.39 11.97
N GLU A 112 -21.45 -32.82 13.16
CA GLU A 112 -21.06 -34.14 13.65
C GLU A 112 -21.74 -35.27 12.87
N ALA A 113 -22.75 -34.97 12.07
CA ALA A 113 -23.44 -35.97 11.26
C ALA A 113 -22.97 -35.98 9.82
N PHE A 114 -21.85 -35.32 9.52
CA PHE A 114 -21.35 -35.19 8.15
C PHE A 114 -20.25 -36.19 7.81
N LYS A 115 -19.18 -36.22 8.61
CA LYS A 115 -18.00 -36.98 8.24
C LYS A 115 -18.28 -38.48 8.11
N ASN A 116 -18.73 -39.10 9.20
CA ASN A 116 -18.86 -40.55 9.22
C ASN A 116 -20.00 -41.06 8.35
N HIS A 117 -20.95 -40.21 8.00
CA HIS A 117 -22.12 -40.65 7.24
C HIS A 117 -21.74 -40.99 5.80
N GLU A 118 -22.43 -42.00 5.25
CA GLU A 118 -22.28 -42.41 3.85
C GLU A 118 -20.84 -42.78 3.51
N LYS A 119 -20.33 -43.76 4.25
CA LYS A 119 -19.03 -44.39 3.97
C LYS A 119 -17.87 -43.41 3.99
N TYR A 120 -18.07 -42.23 4.59
CA TYR A 120 -17.03 -41.19 4.68
C TYR A 120 -16.53 -40.78 3.30
N LYS A 121 -17.39 -40.87 2.28
CA LYS A 121 -17.08 -40.55 0.90
C LYS A 121 -16.02 -41.49 0.33
N ASN A 122 -15.99 -41.64 -1.00
CA ASN A 122 -15.02 -42.49 -1.68
C ASN A 122 -14.09 -41.66 -2.55
N LEU A 123 -13.74 -40.45 -2.09
CA LEU A 123 -12.83 -39.60 -2.84
C LEU A 123 -11.45 -40.24 -2.97
N PHE A 124 -11.04 -41.05 -1.98
CA PHE A 124 -9.76 -41.73 -2.07
C PHE A 124 -9.71 -42.66 -3.27
N LYS A 125 -10.82 -43.37 -3.53
CA LYS A 125 -10.89 -44.21 -4.72
C LYS A 125 -10.79 -43.38 -5.99
N LYS A 126 -11.42 -42.20 -6.01
CA LYS A 126 -11.35 -41.32 -7.16
C LYS A 126 -9.96 -40.73 -7.35
N GLU A 127 -9.14 -40.68 -6.29
CA GLU A 127 -7.78 -40.16 -6.42
C GLU A 127 -6.95 -41.06 -7.34
N LEU A 128 -7.11 -42.37 -7.24
CA LEU A 128 -6.37 -43.30 -8.07
C LEU A 128 -6.95 -43.36 -9.49
N LYS A 148 -16.90 -42.17 -16.51
CA LYS A 148 -16.06 -42.89 -15.57
C LYS A 148 -14.71 -43.24 -16.18
N GLU A 149 -14.53 -42.85 -17.45
CA GLU A 149 -13.25 -43.11 -18.12
C GLU A 149 -12.17 -42.16 -17.63
N THR A 150 -12.54 -40.91 -17.32
CA THR A 150 -11.57 -39.93 -16.89
C THR A 150 -11.01 -40.24 -15.50
N VAL A 151 -11.66 -41.10 -14.73
CA VAL A 151 -11.18 -41.46 -13.40
C VAL A 151 -10.45 -42.81 -13.40
N GLU A 152 -10.74 -43.70 -14.33
CA GLU A 152 -10.01 -44.97 -14.41
C GLU A 152 -8.55 -44.73 -14.76
N LYS A 153 -8.27 -43.86 -15.72
CA LYS A 153 -6.92 -43.52 -16.12
C LYS A 153 -6.88 -42.05 -16.51
N PHE A 154 -5.84 -41.35 -16.08
CA PHE A 154 -5.72 -39.92 -16.33
C PHE A 154 -4.24 -39.54 -16.35
N LYS A 155 -3.97 -38.24 -16.35
CA LYS A 155 -2.59 -37.75 -16.47
C LYS A 155 -1.78 -38.04 -15.21
N ASN A 156 -2.45 -38.23 -14.07
CA ASN A 156 -1.79 -38.44 -12.79
C ASN A 156 -0.98 -37.20 -12.43
N PHE A 157 0.35 -37.32 -12.46
CA PHE A 157 1.28 -36.22 -12.22
C PHE A 157 1.23 -35.70 -10.79
N THR A 158 0.77 -36.53 -9.85
CA THR A 158 0.71 -36.24 -8.41
C THR A 158 0.30 -34.79 -8.13
N THR A 159 -0.81 -34.39 -8.74
CA THR A 159 -1.33 -33.05 -8.53
C THR A 159 -1.71 -32.83 -7.06
N TYR A 160 -1.84 -31.56 -6.69
CA TYR A 160 -2.11 -31.18 -5.30
C TYR A 160 -3.61 -31.31 -4.98
N PHE A 161 -4.11 -32.53 -5.18
CA PHE A 161 -5.49 -32.83 -4.77
C PHE A 161 -5.66 -32.81 -3.26
N THR A 162 -4.55 -32.92 -2.51
CA THR A 162 -4.64 -32.86 -1.06
C THR A 162 -5.13 -31.49 -0.60
N GLY A 163 -4.69 -30.43 -1.27
CA GLY A 163 -5.19 -29.10 -0.93
C GLY A 163 -6.69 -28.97 -1.18
N PHE A 164 -7.17 -29.50 -2.29
CA PHE A 164 -8.61 -29.47 -2.56
C PHE A 164 -9.38 -30.28 -1.52
N HIS A 165 -8.85 -31.45 -1.14
CA HIS A 165 -9.50 -32.25 -0.12
C HIS A 165 -9.54 -31.52 1.22
N GLU A 166 -8.45 -30.84 1.58
CA GLU A 166 -8.43 -30.06 2.81
C GLU A 166 -9.44 -28.92 2.75
N ASN A 167 -9.55 -28.26 1.59
CA ASN A 167 -10.53 -27.18 1.44
C ASN A 167 -11.95 -27.71 1.59
N ARG A 168 -12.24 -28.86 0.99
CA ARG A 168 -13.57 -29.45 1.14
C ARG A 168 -13.84 -29.88 2.57
N LYS A 169 -12.83 -30.38 3.28
CA LYS A 169 -13.01 -30.74 4.68
C LYS A 169 -13.28 -29.51 5.54
N ASN A 170 -12.56 -28.42 5.29
CA ASN A 170 -12.82 -27.17 6.00
C ASN A 170 -14.22 -26.66 5.68
N MET A 171 -14.68 -26.86 4.44
CA MET A 171 -16.06 -26.54 4.09
C MET A 171 -17.02 -27.40 4.92
N TYR A 172 -16.69 -28.68 5.11
CA TYR A 172 -17.46 -29.55 6.00
C TYR A 172 -17.37 -29.12 7.45
N SER A 173 -16.32 -28.39 7.84
CA SER A 173 -16.06 -28.09 9.24
C SER A 173 -17.01 -26.98 9.72
N ASP A 174 -16.81 -26.53 10.96
CA ASP A 174 -17.65 -25.54 11.62
C ASP A 174 -16.79 -24.45 12.24
N GLU A 175 -15.84 -23.92 11.49
CA GLU A 175 -14.87 -22.94 11.98
C GLU A 175 -15.39 -21.51 11.92
N GLU A 176 -16.72 -21.33 11.84
CA GLU A 176 -17.34 -20.01 11.78
C GLU A 176 -16.81 -19.22 10.57
N LYS A 177 -16.79 -19.87 9.42
CA LYS A 177 -16.37 -19.27 8.17
C LYS A 177 -17.49 -19.41 7.14
N SER A 178 -17.34 -18.68 6.03
CA SER A 178 -18.35 -18.71 4.98
C SER A 178 -18.44 -20.09 4.32
N THR A 179 -17.41 -20.92 4.46
CA THR A 179 -17.44 -22.25 3.87
C THR A 179 -18.28 -23.24 4.67
N ALA A 180 -18.53 -22.95 5.95
CA ALA A 180 -19.27 -23.90 6.79
C ALA A 180 -20.74 -23.92 6.41
N ILE A 181 -21.30 -25.14 6.35
CA ILE A 181 -22.72 -25.30 6.07
C ILE A 181 -23.57 -24.69 7.19
N ALA A 182 -23.18 -24.97 8.43
CA ALA A 182 -23.96 -24.50 9.57
C ALA A 182 -23.94 -22.98 9.67
N TYR A 183 -22.83 -22.35 9.25
CA TYR A 183 -22.77 -20.89 9.23
C TYR A 183 -23.83 -20.32 8.30
N ARG A 184 -24.02 -20.94 7.15
CA ARG A 184 -25.05 -20.48 6.22
C ARG A 184 -26.45 -20.86 6.69
N LEU A 185 -26.59 -21.97 7.41
CA LEU A 185 -27.93 -22.43 7.73
C LEU A 185 -28.49 -21.81 9.00
N ILE A 186 -27.65 -21.42 9.95
CA ILE A 186 -28.08 -20.86 11.23
C ILE A 186 -27.75 -19.38 11.33
N HIS A 187 -26.51 -19.00 11.01
CA HIS A 187 -26.14 -17.60 11.14
C HIS A 187 -26.71 -16.71 10.05
N GLU A 188 -26.93 -17.24 8.84
CA GLU A 188 -27.24 -16.39 7.70
C GLU A 188 -28.58 -16.72 7.06
N ASN A 189 -28.96 -18.00 6.96
CA ASN A 189 -30.32 -18.33 6.53
C ASN A 189 -31.35 -18.12 7.62
N LEU A 190 -31.06 -18.55 8.86
CA LEU A 190 -32.04 -18.48 9.93
C LEU A 190 -32.52 -17.06 10.24
N PRO A 191 -31.66 -16.03 10.27
CA PRO A 191 -32.21 -14.67 10.43
C PRO A 191 -33.20 -14.29 9.35
N LYS A 192 -32.96 -14.70 8.11
CA LYS A 192 -33.93 -14.45 7.03
C LYS A 192 -35.22 -15.21 7.29
N PHE A 193 -35.12 -16.45 7.76
CA PHE A 193 -36.32 -17.22 8.10
C PHE A 193 -37.13 -16.52 9.19
N LEU A 194 -36.45 -16.04 10.23
CA LEU A 194 -37.14 -15.36 11.33
C LEU A 194 -37.76 -14.04 10.86
N ASP A 195 -37.06 -13.30 10.00
CA ASP A 195 -37.63 -12.06 9.46
C ASP A 195 -38.86 -12.35 8.62
N ASN A 196 -38.81 -13.43 7.83
CA ASN A 196 -39.99 -13.82 7.05
C ASN A 196 -41.14 -14.22 7.96
N MET A 197 -40.84 -14.92 9.06
CA MET A 197 -41.89 -15.26 10.03
C MET A 197 -42.51 -14.01 10.65
N LYS A 198 -41.67 -13.04 11.02
CA LYS A 198 -42.17 -11.82 11.64
C LYS A 198 -42.97 -10.98 10.65
N VAL A 199 -42.63 -11.06 9.36
CA VAL A 199 -43.46 -10.40 8.35
C VAL A 199 -44.77 -11.13 8.18
N PHE A 200 -44.73 -12.47 8.10
CA PHE A 200 -45.92 -13.25 7.80
C PHE A 200 -46.94 -13.16 8.93
N GLU A 201 -46.47 -13.10 10.18
CA GLU A 201 -47.42 -12.98 11.29
C GLU A 201 -48.18 -11.66 11.26
N LYS A 202 -47.76 -10.70 10.46
CA LYS A 202 -48.49 -9.46 10.27
C LYS A 202 -49.27 -9.42 8.97
N ILE A 203 -48.76 -10.02 7.90
CA ILE A 203 -49.43 -10.01 6.61
C ILE A 203 -50.17 -11.33 6.36
N LYS A 204 -50.49 -12.08 7.42
CA LYS A 204 -51.21 -13.34 7.25
C LYS A 204 -52.58 -13.12 6.62
N GLU A 205 -53.23 -12.01 6.94
CA GLU A 205 -54.55 -11.69 6.40
C GLU A 205 -54.47 -10.96 5.06
N LYS A 206 -53.34 -11.04 4.36
CA LYS A 206 -53.21 -10.38 3.07
C LYS A 206 -54.12 -10.99 2.01
N HIS A 207 -54.55 -12.22 2.17
CA HIS A 207 -55.44 -12.90 1.23
C HIS A 207 -56.60 -13.53 2.01
N PRO A 208 -57.55 -12.70 2.46
CA PRO A 208 -58.72 -13.26 3.18
C PRO A 208 -59.53 -14.22 2.34
N GLU A 209 -59.64 -13.99 1.04
CA GLU A 209 -60.42 -14.87 0.18
C GLU A 209 -59.75 -16.23 -0.03
N ALA A 210 -58.43 -16.31 0.20
CA ALA A 210 -57.65 -17.54 0.11
C ALA A 210 -57.66 -18.16 -1.28
N GLU A 211 -58.13 -17.44 -2.30
CA GLU A 211 -58.12 -17.97 -3.66
C GLU A 211 -56.72 -17.93 -4.26
N GLN A 212 -55.95 -16.88 -3.97
CA GLN A 212 -54.59 -16.76 -4.45
C GLN A 212 -53.58 -17.42 -3.52
N LEU A 213 -54.01 -17.91 -2.36
CA LEU A 213 -53.09 -18.48 -1.37
C LEU A 213 -52.91 -19.98 -1.57
N GLU A 214 -54.00 -20.72 -1.70
CA GLU A 214 -53.95 -22.17 -1.80
C GLU A 214 -54.46 -22.71 -3.12
N LYS A 215 -55.50 -22.10 -3.70
CA LYS A 215 -56.08 -22.61 -4.94
C LYS A 215 -55.13 -22.48 -6.12
N THR A 216 -54.15 -21.57 -6.06
CA THR A 216 -53.23 -21.34 -7.16
C THR A 216 -51.79 -21.75 -6.87
N LEU A 217 -51.42 -21.90 -5.61
CA LEU A 217 -50.04 -22.18 -5.22
C LEU A 217 -49.83 -23.57 -4.65
N LYS A 218 -50.65 -23.98 -3.68
CA LYS A 218 -50.40 -25.23 -2.98
C LYS A 218 -50.56 -26.45 -3.89
N ASP A 219 -51.38 -26.33 -4.93
CA ASP A 219 -51.59 -27.43 -5.85
C ASP A 219 -50.66 -27.38 -7.07
N LEU A 220 -50.07 -26.22 -7.35
CA LEU A 220 -49.23 -26.02 -8.52
C LEU A 220 -47.74 -26.17 -8.20
N GLY A 221 -47.26 -25.50 -7.15
CA GLY A 221 -45.86 -25.53 -6.81
C GLY A 221 -45.38 -26.79 -6.12
N GLU A 222 -46.29 -27.69 -5.76
CA GLU A 222 -45.95 -28.93 -5.07
C GLU A 222 -46.42 -30.14 -5.86
N GLU A 223 -46.36 -30.05 -7.19
CA GLU A 223 -46.76 -31.17 -8.03
C GLU A 223 -45.81 -32.36 -7.88
N GLU A 224 -44.52 -32.09 -7.65
CA GLU A 224 -43.56 -33.17 -7.48
C GLU A 224 -43.87 -34.01 -6.25
N VAL A 225 -44.27 -33.36 -5.15
CA VAL A 225 -44.63 -34.08 -3.93
C VAL A 225 -46.10 -34.47 -3.90
N LEU A 226 -46.84 -34.22 -4.99
CA LEU A 226 -48.26 -34.56 -5.09
C LEU A 226 -49.07 -33.86 -4.00
N GLY A 227 -48.70 -32.63 -3.68
CA GLY A 227 -49.42 -31.84 -2.70
C GLY A 227 -49.40 -32.42 -1.30
N GLY A 228 -48.26 -32.94 -0.87
CA GLY A 228 -48.13 -33.47 0.47
C GLY A 228 -47.99 -32.43 1.57
N ASN A 229 -47.78 -31.17 1.19
CA ASN A 229 -47.67 -30.06 2.13
C ASN A 229 -48.57 -28.92 1.69
N ASN A 230 -48.71 -27.93 2.56
CA ASN A 230 -49.48 -26.73 2.27
C ASN A 230 -48.58 -25.51 2.33
N VAL A 231 -49.14 -24.36 1.96
CA VAL A 231 -48.36 -23.12 1.98
C VAL A 231 -47.96 -22.76 3.41
N GLU A 232 -48.89 -22.91 4.35
CA GLU A 232 -48.59 -22.62 5.75
C GLU A 232 -47.67 -23.66 6.37
N ASP A 233 -47.54 -24.84 5.75
CA ASP A 233 -46.63 -25.86 6.27
C ASP A 233 -45.19 -25.37 6.21
N ILE A 234 -44.81 -24.70 5.13
CA ILE A 234 -43.50 -24.07 5.05
C ILE A 234 -43.39 -22.96 6.09
N PHE A 235 -44.52 -22.34 6.43
CA PHE A 235 -44.57 -21.28 7.43
C PHE A 235 -44.76 -21.82 8.84
N SER A 236 -44.28 -23.02 9.11
CA SER A 236 -44.26 -23.57 10.46
C SER A 236 -42.82 -23.65 10.94
N LEU A 237 -42.61 -23.34 12.24
CA LEU A 237 -41.26 -23.33 12.78
C LEU A 237 -40.67 -24.73 12.91
N ASP A 238 -41.52 -25.74 13.07
CA ASP A 238 -41.04 -27.11 13.27
C ASP A 238 -40.66 -27.80 11.97
N TYR A 239 -40.88 -27.17 10.82
CA TYR A 239 -40.55 -27.76 9.53
C TYR A 239 -39.32 -27.11 8.89
N PHE A 240 -38.35 -26.70 9.72
CA PHE A 240 -37.10 -26.17 9.19
C PHE A 240 -36.32 -27.24 8.44
N ASN A 241 -36.42 -28.49 8.88
CA ASN A 241 -35.64 -29.56 8.25
C ASN A 241 -36.00 -29.74 6.79
N HIS A 242 -37.24 -29.42 6.40
CA HIS A 242 -37.64 -29.54 5.01
C HIS A 242 -36.87 -28.57 4.12
N THR A 243 -36.64 -27.35 4.60
CA THR A 243 -35.96 -26.33 3.82
C THR A 243 -34.44 -26.46 3.85
N LEU A 244 -33.89 -27.32 4.71
CA LEU A 244 -32.44 -27.47 4.78
C LEU A 244 -31.88 -28.03 3.47
N THR A 245 -32.55 -29.04 2.89
CA THR A 245 -32.11 -29.62 1.65
C THR A 245 -32.30 -28.64 0.49
N GLN A 246 -31.59 -28.90 -0.60
CA GLN A 246 -31.66 -28.01 -1.76
C GLN A 246 -33.07 -27.96 -2.34
N SER A 247 -33.82 -29.06 -2.25
CA SER A 247 -35.20 -29.04 -2.71
C SER A 247 -36.07 -28.11 -1.86
N GLY A 248 -35.81 -28.08 -0.56
CA GLY A 248 -36.54 -27.14 0.30
C GLY A 248 -36.26 -25.70 -0.07
N ILE A 249 -35.00 -25.36 -0.34
CA ILE A 249 -34.67 -24.00 -0.75
C ILE A 249 -35.31 -23.69 -2.10
N ASP A 250 -35.31 -24.66 -3.01
CA ASP A 250 -35.91 -24.45 -4.32
C ASP A 250 -37.41 -24.17 -4.20
N ILE A 251 -38.12 -24.99 -3.41
CA ILE A 251 -39.56 -24.77 -3.27
C ILE A 251 -39.85 -23.48 -2.52
N TYR A 252 -39.01 -23.13 -1.54
CA TYR A 252 -39.18 -21.85 -0.86
C TYR A 252 -39.03 -20.68 -1.84
N ASN A 253 -38.01 -20.74 -2.71
CA ASN A 253 -37.83 -19.68 -3.69
C ASN A 253 -38.99 -19.61 -4.67
N THR A 254 -39.49 -20.77 -5.11
CA THR A 254 -40.61 -20.78 -6.05
C THR A 254 -41.88 -20.22 -5.40
N ILE A 255 -42.10 -20.54 -4.12
CA ILE A 255 -43.30 -20.05 -3.45
C ILE A 255 -43.16 -18.59 -3.02
N ILE A 256 -41.93 -18.09 -2.89
CA ILE A 256 -41.73 -16.71 -2.48
C ILE A 256 -41.61 -15.74 -3.66
N GLY A 257 -41.24 -16.23 -4.84
CA GLY A 257 -41.06 -15.34 -5.97
C GLY A 257 -41.63 -15.86 -7.28
N GLY A 258 -42.55 -16.82 -7.19
CA GLY A 258 -43.19 -17.36 -8.37
C GLY A 258 -42.42 -18.53 -8.96
N LYS A 259 -43.07 -19.21 -9.91
CA LYS A 259 -42.50 -20.37 -10.57
C LYS A 259 -42.79 -20.29 -12.06
N THR A 260 -41.90 -20.91 -12.85
CA THR A 260 -42.09 -20.94 -14.30
C THR A 260 -43.22 -21.89 -14.70
N GLU A 261 -43.53 -22.88 -13.85
CA GLU A 261 -44.61 -23.84 -14.06
C GLU A 261 -44.36 -24.75 -15.25
N GLU A 262 -45.06 -25.89 -15.30
CA GLU A 262 -44.92 -26.80 -16.42
C GLU A 262 -45.56 -26.24 -17.69
N ASP A 263 -46.51 -25.32 -17.57
CA ASP A 263 -47.11 -24.70 -18.75
C ASP A 263 -46.08 -23.88 -19.52
N GLY A 264 -45.22 -23.14 -18.81
CA GLY A 264 -44.17 -22.37 -19.44
C GLY A 264 -44.51 -20.93 -19.73
N ASN A 265 -45.78 -20.54 -19.63
CA ASN A 265 -46.18 -19.18 -19.95
C ASN A 265 -47.10 -18.54 -18.91
N LYS A 266 -47.66 -19.30 -17.97
CA LYS A 266 -48.57 -18.72 -16.99
C LYS A 266 -47.85 -17.73 -16.09
N LYS A 267 -46.66 -18.09 -15.60
CA LYS A 267 -45.84 -17.22 -14.77
C LYS A 267 -46.61 -16.72 -13.54
N ILE A 268 -46.98 -17.70 -12.68
CA ILE A 268 -47.74 -17.38 -11.49
C ILE A 268 -46.97 -16.40 -10.61
N GLN A 269 -47.65 -15.37 -10.14
CA GLN A 269 -47.01 -14.34 -9.32
C GLN A 269 -46.66 -14.90 -7.95
N GLY A 270 -45.53 -14.44 -7.42
CA GLY A 270 -45.07 -14.85 -6.11
C GLY A 270 -45.69 -14.03 -4.99
N LEU A 271 -45.22 -14.30 -3.77
CA LEU A 271 -45.71 -13.56 -2.61
C LEU A 271 -45.35 -12.09 -2.70
N ASN A 272 -44.12 -11.78 -3.14
CA ASN A 272 -43.71 -10.39 -3.26
C ASN A 272 -44.59 -9.64 -4.25
N GLU A 273 -44.90 -10.27 -5.39
CA GLU A 273 -45.80 -9.65 -6.35
C GLU A 273 -47.21 -9.54 -5.77
N TYR A 274 -47.63 -10.53 -4.97
CA TYR A 274 -48.95 -10.48 -4.37
C TYR A 274 -49.10 -9.28 -3.43
N ILE A 275 -48.08 -9.03 -2.60
CA ILE A 275 -48.12 -7.85 -1.72
C ILE A 275 -47.87 -6.56 -2.49
N ASN A 276 -47.17 -6.62 -3.63
CA ASN A 276 -46.90 -5.43 -4.41
C ASN A 276 -48.14 -4.85 -5.07
N LEU A 277 -49.26 -5.59 -5.09
CA LEU A 277 -50.51 -5.12 -5.65
C LEU A 277 -51.36 -4.38 -4.63
N TYR A 278 -50.75 -3.85 -3.56
CA TYR A 278 -51.46 -3.17 -2.49
C TYR A 278 -51.62 -1.67 -2.75
N ARG A 279 -51.57 -1.25 -4.02
CA ARG A 279 -51.65 0.16 -4.35
C ARG A 279 -53.07 0.72 -4.22
N GLN A 280 -54.07 -0.12 -3.99
CA GLN A 280 -55.43 0.36 -3.74
C GLN A 280 -55.59 0.99 -2.37
N LYS A 281 -54.51 1.05 -1.59
CA LYS A 281 -54.54 1.58 -0.22
C LYS A 281 -53.58 2.77 -0.13
N ASN A 282 -53.67 3.69 -1.09
CA ASN A 282 -52.67 4.73 -1.31
C ASN A 282 -52.37 5.58 -0.08
N ASN A 283 -53.14 5.43 1.00
CA ASN A 283 -52.81 6.09 2.25
C ASN A 283 -51.39 5.75 2.70
N GLU A 284 -50.86 6.55 3.61
CA GLU A 284 -49.44 6.51 3.94
C GLU A 284 -49.01 5.18 4.56
N LYS A 285 -49.95 4.36 5.02
CA LYS A 285 -49.63 3.13 5.74
C LYS A 285 -49.63 1.90 4.83
N ASN A 286 -49.32 2.08 3.55
CA ASN A 286 -49.24 0.96 2.61
C ASN A 286 -47.89 0.82 1.93
N ARG A 287 -47.15 1.91 1.74
CA ARG A 287 -45.87 1.85 1.05
C ARG A 287 -44.77 1.46 2.02
N LYS A 288 -43.52 1.58 1.58
CA LYS A 288 -42.35 1.17 2.37
C LYS A 288 -42.45 -0.29 2.79
N LEU A 289 -42.88 -1.13 1.86
CA LEU A 289 -43.05 -2.55 2.13
C LEU A 289 -41.70 -3.25 2.11
N PRO A 290 -41.31 -3.94 3.19
CA PRO A 290 -40.03 -4.67 3.18
C PRO A 290 -40.12 -5.90 2.30
N LYS A 291 -39.19 -5.99 1.34
CA LYS A 291 -39.19 -7.11 0.42
C LYS A 291 -38.84 -8.40 1.17
N LEU A 292 -39.51 -9.49 0.78
CA LEU A 292 -39.28 -10.77 1.44
C LEU A 292 -37.90 -11.30 1.08
N LYS A 293 -37.39 -12.18 1.94
CA LYS A 293 -36.02 -12.67 1.81
C LYS A 293 -36.02 -14.13 1.39
N PRO A 294 -35.74 -14.44 0.12
CA PRO A 294 -35.60 -15.84 -0.28
C PRO A 294 -34.39 -16.47 0.39
N LEU A 295 -34.50 -17.76 0.68
CA LEU A 295 -33.41 -18.45 1.33
C LEU A 295 -32.27 -18.73 0.35
N TYR A 296 -31.05 -18.59 0.84
CA TYR A 296 -29.87 -18.84 0.03
C TYR A 296 -29.69 -20.33 -0.22
N LYS A 297 -29.13 -20.66 -1.37
CA LYS A 297 -28.95 -22.04 -1.80
C LYS A 297 -27.49 -22.28 -2.19
N GLN A 298 -26.91 -23.35 -1.68
CA GLN A 298 -25.55 -23.71 -2.03
C GLN A 298 -25.52 -24.55 -3.31
N ILE A 299 -24.37 -24.54 -3.98
CA ILE A 299 -24.16 -25.27 -5.23
C ILE A 299 -25.21 -24.84 -6.24
N LEU A 300 -25.52 -23.55 -6.27
CA LEU A 300 -26.50 -22.98 -7.19
C LEU A 300 -25.80 -22.04 -8.15
N SER A 301 -25.71 -22.44 -9.40
CA SER A 301 -25.08 -21.64 -10.45
C SER A 301 -25.47 -22.25 -11.79
N ASP A 302 -25.02 -21.60 -12.87
CA ASP A 302 -25.25 -22.14 -14.21
C ASP A 302 -24.58 -23.49 -14.38
N ARG A 303 -23.33 -23.61 -13.92
CA ARG A 303 -22.59 -24.86 -13.96
C ARG A 303 -22.28 -25.41 -12.57
N GLU A 304 -21.63 -24.61 -11.73
CA GLU A 304 -21.28 -25.02 -10.38
C GLU A 304 -20.91 -23.78 -9.58
N SER A 305 -21.35 -23.73 -8.32
CA SER A 305 -21.12 -22.58 -7.46
C SER A 305 -20.17 -22.84 -6.31
N LEU A 306 -20.05 -24.09 -5.84
CA LEU A 306 -19.18 -24.45 -4.73
C LEU A 306 -19.54 -23.66 -3.47
N SER A 307 -20.75 -23.91 -2.98
CA SER A 307 -21.36 -23.32 -1.77
C SER A 307 -21.86 -21.89 -2.02
N PHE A 308 -21.81 -21.41 -3.26
CA PHE A 308 -22.38 -20.11 -3.64
C PHE A 308 -21.77 -18.97 -2.83
N ILE A 309 -20.47 -18.78 -2.99
CA ILE A 309 -19.82 -17.61 -2.44
C ILE A 309 -20.15 -16.43 -3.35
N PRO A 310 -20.82 -15.39 -2.85
CA PRO A 310 -21.27 -14.28 -3.70
C PRO A 310 -20.20 -13.20 -3.89
N GLU A 311 -18.99 -13.63 -4.24
CA GLU A 311 -17.89 -12.69 -4.46
C GLU A 311 -17.95 -12.03 -5.83
N ALA A 312 -18.68 -12.60 -6.78
CA ALA A 312 -18.81 -12.02 -8.10
C ALA A 312 -20.22 -12.04 -8.67
N PHE A 313 -21.20 -12.61 -7.95
CA PHE A 313 -22.58 -12.70 -8.41
C PHE A 313 -22.67 -13.47 -9.73
N GLU A 314 -23.85 -13.46 -10.36
CA GLU A 314 -24.02 -14.07 -11.67
C GLU A 314 -24.40 -13.07 -12.74
N ASN A 315 -25.41 -12.23 -12.49
CA ASN A 315 -25.87 -11.27 -13.49
C ASN A 315 -26.35 -10.01 -12.78
N ASP A 316 -26.92 -9.08 -13.55
CA ASP A 316 -27.45 -7.85 -12.96
C ASP A 316 -28.67 -8.10 -12.10
N GLU A 317 -29.35 -9.23 -12.28
CA GLU A 317 -30.57 -9.49 -11.52
C GLU A 317 -30.26 -9.65 -10.03
N GLU A 318 -29.26 -10.47 -9.68
CA GLU A 318 -28.89 -10.63 -8.28
C GLU A 318 -28.34 -9.33 -7.71
N LEU A 319 -27.61 -8.55 -8.51
CA LEU A 319 -27.12 -7.27 -8.05
C LEU A 319 -28.28 -6.33 -7.70
N LEU A 320 -29.31 -6.31 -8.54
CA LEU A 320 -30.49 -5.51 -8.25
C LEU A 320 -31.19 -6.01 -6.98
N GLU A 321 -31.29 -7.34 -6.82
CA GLU A 321 -31.91 -7.87 -5.61
C GLU A 321 -31.15 -7.43 -4.36
N ALA A 322 -29.82 -7.52 -4.40
CA ALA A 322 -29.02 -7.13 -3.24
C ALA A 322 -29.14 -5.63 -2.96
N ILE A 323 -29.11 -4.81 -4.01
CA ILE A 323 -29.21 -3.36 -3.83
C ILE A 323 -30.57 -3.00 -3.23
N GLU A 324 -31.65 -3.59 -3.76
CA GLU A 324 -32.98 -3.31 -3.21
C GLU A 324 -33.11 -3.83 -1.79
N GLU A 325 -32.52 -4.98 -1.49
CA GLU A 325 -32.56 -5.52 -0.14
C GLU A 325 -31.89 -4.58 0.84
N PHE A 326 -30.70 -4.06 0.50
CA PHE A 326 -30.03 -3.15 1.42
C PHE A 326 -30.79 -1.83 1.51
N TYR A 327 -31.38 -1.38 0.40
CA TYR A 327 -32.17 -0.15 0.45
C TYR A 327 -33.35 -0.28 1.39
N GLU A 328 -34.01 -1.44 1.36
CA GLU A 328 -35.11 -1.69 2.30
C GLU A 328 -34.60 -1.83 3.72
N ASN A 329 -33.43 -2.45 3.90
CA ASN A 329 -32.89 -2.64 5.25
C ASN A 329 -32.44 -1.32 5.87
N LEU A 330 -32.06 -0.33 5.06
CA LEU A 330 -31.55 0.92 5.59
C LEU A 330 -32.69 1.84 6.01
N ASN A 331 -33.54 2.23 5.04
CA ASN A 331 -34.62 3.16 5.34
C ASN A 331 -35.73 2.49 6.14
N PHE A 332 -36.10 1.27 5.75
CA PHE A 332 -37.15 0.48 6.42
C PHE A 332 -38.45 1.27 6.35
N SER A 333 -39.32 1.20 7.37
CA SER A 333 -40.60 1.88 7.33
C SER A 333 -40.93 2.58 8.64
N ASN A 334 -39.93 2.87 9.47
CA ASN A 334 -40.12 3.52 10.77
C ASN A 334 -41.06 2.71 11.65
N ASN A 335 -40.98 1.39 11.55
CA ASN A 335 -41.76 0.48 12.38
C ASN A 335 -40.86 -0.18 13.42
N ASN A 336 -41.45 -0.46 14.58
CA ASN A 336 -40.71 -0.96 15.74
C ASN A 336 -39.56 -0.02 16.08
N GLU A 337 -39.95 1.20 16.47
CA GLU A 337 -39.04 2.33 16.69
C GLU A 337 -38.45 2.78 15.36
N ALA A 338 -37.68 3.86 15.37
CA ALA A 338 -37.15 4.44 14.15
C ALA A 338 -36.07 3.51 13.59
N THR A 339 -36.43 2.69 12.61
CA THR A 339 -35.49 1.80 11.96
C THR A 339 -34.74 2.45 10.82
N ASN A 340 -35.04 3.71 10.51
CA ASN A 340 -34.35 4.44 9.45
C ASN A 340 -32.96 4.81 9.96
N VAL A 341 -31.95 4.08 9.50
CA VAL A 341 -30.58 4.30 9.96
C VAL A 341 -30.09 5.69 9.54
N LEU A 342 -30.52 6.15 8.37
CA LEU A 342 -29.99 7.40 7.83
C LEU A 342 -30.28 8.57 8.75
N GLU A 343 -31.51 8.68 9.26
CA GLU A 343 -31.84 9.78 10.15
C GLU A 343 -31.51 9.48 11.61
N LYS A 344 -31.55 8.20 12.01
CA LYS A 344 -31.20 7.86 13.38
C LYS A 344 -29.74 8.18 13.67
N LEU A 345 -28.85 7.84 12.73
CA LEU A 345 -27.43 8.15 12.91
C LEU A 345 -27.20 9.65 12.93
N LYS A 346 -27.91 10.40 12.08
CA LYS A 346 -27.79 11.85 12.07
C LYS A 346 -28.20 12.44 13.42
N GLU A 347 -29.34 12.00 13.95
CA GLU A 347 -29.79 12.50 15.24
C GLU A 347 -28.83 12.11 16.36
N LEU A 348 -28.32 10.88 16.33
CA LEU A 348 -27.39 10.43 17.35
C LEU A 348 -26.11 11.27 17.34
N LEU A 349 -25.58 11.55 16.15
CA LEU A 349 -24.39 12.37 16.05
C LEU A 349 -24.68 13.81 16.49
N SER A 350 -25.86 14.34 16.14
CA SER A 350 -26.23 15.67 16.59
C SER A 350 -26.44 15.73 18.09
N ASN A 351 -26.64 14.60 18.74
CA ASN A 351 -26.77 14.53 20.20
C ASN A 351 -25.43 14.38 20.90
N LEU A 352 -24.32 14.45 20.16
CA LEU A 352 -23.00 14.23 20.75
C LEU A 352 -22.63 15.33 21.75
N ALA A 353 -23.08 16.56 21.51
CA ALA A 353 -22.71 17.66 22.38
C ALA A 353 -23.20 17.45 23.81
N ASP A 354 -24.43 16.97 23.96
CA ASP A 354 -24.96 16.74 25.31
C ASP A 354 -24.19 15.65 26.05
N TYR A 355 -23.77 14.62 25.33
CA TYR A 355 -23.03 13.52 25.96
C TYR A 355 -21.67 14.01 26.44
N ASP A 356 -21.14 13.33 27.47
CA ASP A 356 -19.83 13.66 27.97
C ASP A 356 -18.76 13.33 26.93
N LEU A 357 -17.76 14.19 26.81
CA LEU A 357 -16.71 14.04 25.83
C LEU A 357 -15.45 13.41 26.39
N ASN A 358 -15.43 13.06 27.68
CA ASN A 358 -14.25 12.48 28.29
C ASN A 358 -14.05 11.02 27.94
N LYS A 359 -15.09 10.34 27.44
CA LYS A 359 -15.02 8.92 27.17
C LYS A 359 -15.25 8.53 25.72
N ILE A 360 -15.76 9.44 24.89
CA ILE A 360 -15.93 9.18 23.47
C ILE A 360 -14.58 9.32 22.78
N TYR A 361 -14.22 8.36 21.94
CA TYR A 361 -12.89 8.27 21.37
C TYR A 361 -12.89 8.57 19.88
N ILE A 362 -11.74 8.99 19.37
CA ILE A 362 -11.55 9.32 17.97
C ILE A 362 -10.30 8.61 17.46
N ARG A 363 -10.39 8.05 16.26
CA ARG A 363 -9.25 7.38 15.64
C ARG A 363 -8.12 8.37 15.35
N ASN A 364 -6.89 7.90 15.54
CA ASN A 364 -5.70 8.70 15.29
C ASN A 364 -5.17 8.53 13.88
N ASP A 365 -5.91 7.86 13.00
CA ASP A 365 -5.46 7.61 11.64
C ASP A 365 -5.66 8.86 10.79
N THR A 366 -5.53 8.71 9.47
CA THR A 366 -5.67 9.82 8.54
C THR A 366 -7.00 10.55 8.65
N SER A 367 -7.99 9.98 9.36
CA SER A 367 -9.26 10.65 9.54
C SER A 367 -9.09 12.03 10.18
N LEU A 368 -8.11 12.16 11.09
CA LEU A 368 -7.85 13.44 11.73
C LEU A 368 -7.47 14.52 10.72
N THR A 369 -6.97 14.13 9.55
CA THR A 369 -6.75 15.11 8.48
C THR A 369 -8.08 15.65 7.98
N ASP A 370 -9.03 14.76 7.69
CA ASP A 370 -10.31 15.18 7.12
C ASP A 370 -11.07 16.08 8.10
N ILE A 371 -10.99 15.77 9.39
CA ILE A 371 -11.60 16.64 10.39
C ILE A 371 -10.92 18.01 10.38
N SER A 372 -9.59 18.03 10.20
CA SER A 372 -8.86 19.28 10.19
C SER A 372 -9.26 20.16 9.00
N GLN A 373 -9.48 19.54 7.84
CA GLN A 373 -9.78 20.30 6.64
C GLN A 373 -11.15 20.97 6.68
N LYS A 374 -12.08 20.45 7.47
CA LYS A 374 -13.42 21.04 7.53
C LYS A 374 -13.53 22.13 8.58
N ILE A 375 -13.05 21.85 9.80
CA ILE A 375 -13.19 22.83 10.89
C ILE A 375 -12.37 24.07 10.62
N PHE A 376 -11.11 23.89 10.22
CA PHE A 376 -10.17 25.00 10.07
C PHE A 376 -9.79 25.32 8.64
N GLY A 377 -10.00 24.39 7.70
CA GLY A 377 -9.52 24.58 6.35
C GLY A 377 -8.06 24.22 6.16
N ASP A 378 -7.32 24.06 7.25
CA ASP A 378 -5.91 23.65 7.22
C ASP A 378 -5.84 22.20 7.66
N TRP A 379 -5.32 21.34 6.79
CA TRP A 379 -5.32 19.91 7.09
C TRP A 379 -4.32 19.52 8.16
N SER A 380 -3.46 20.44 8.61
CA SER A 380 -2.42 20.14 9.57
C SER A 380 -2.63 20.82 10.91
N VAL A 381 -3.75 21.53 11.11
CA VAL A 381 -3.96 22.23 12.37
C VAL A 381 -4.06 21.25 13.52
N ILE A 382 -4.82 20.17 13.35
CA ILE A 382 -4.99 19.21 14.42
C ILE A 382 -3.70 18.43 14.66
N LYS A 383 -3.00 18.06 13.60
CA LYS A 383 -1.84 17.19 13.75
C LYS A 383 -0.69 17.89 14.46
N ASP A 384 -0.52 19.20 14.27
CA ASP A 384 0.49 19.92 15.03
C ASP A 384 0.03 20.19 16.47
N ALA A 385 -1.26 20.44 16.66
CA ALA A 385 -1.77 20.77 17.99
C ALA A 385 -1.53 19.63 18.97
N LEU A 386 -1.78 18.39 18.54
CA LEU A 386 -1.56 17.24 19.40
C LEU A 386 -0.08 17.06 19.73
N ASN A 387 0.79 17.29 18.75
CA ASN A 387 2.23 17.05 18.91
C ASN A 387 3.00 18.25 19.42
N ALA A 388 2.30 19.33 19.78
CA ALA A 388 2.96 20.52 20.31
C ALA A 388 2.48 20.93 21.69
N HIS A 389 1.26 20.56 22.08
CA HIS A 389 0.71 20.96 23.37
C HIS A 389 0.32 19.77 24.25
N TYR A 390 -0.25 18.71 23.69
CA TYR A 390 -0.64 17.57 24.49
C TYR A 390 0.60 16.86 25.06
N ASP A 391 1.57 16.55 24.21
CA ASP A 391 2.77 15.85 24.64
C ASP A 391 3.92 16.23 23.72
N GLN A 392 5.14 16.02 24.24
CA GLN A 392 6.35 16.36 23.49
C GLN A 392 7.17 15.11 23.20
N LYS A 412 9.86 13.14 24.22
CA LYS A 412 9.74 11.73 23.89
C LYS A 412 9.03 11.54 22.56
N TRP A 413 8.59 10.31 22.29
CA TRP A 413 7.91 9.96 21.05
C TRP A 413 6.40 10.12 21.12
N LEU A 414 5.91 10.96 22.04
CA LEU A 414 4.50 11.30 22.25
C LEU A 414 3.70 10.14 22.83
N LYS A 415 4.32 8.96 23.01
CA LYS A 415 3.60 7.75 23.41
C LYS A 415 2.40 7.52 22.49
N LYS A 416 2.70 7.33 21.20
CA LYS A 416 1.68 7.25 20.17
C LYS A 416 0.67 6.16 20.49
N GLN A 417 -0.58 6.56 20.70
CA GLN A 417 -1.66 5.64 20.99
C GLN A 417 -2.67 5.66 19.85
N LYS A 418 -3.46 4.59 19.77
CA LYS A 418 -4.35 4.40 18.63
C LYS A 418 -5.55 5.33 18.70
N TYR A 419 -6.12 5.53 19.88
CA TYR A 419 -7.37 6.27 20.04
C TYR A 419 -7.19 7.45 20.99
N PHE A 420 -7.65 8.61 20.55
CA PHE A 420 -7.68 9.81 21.37
C PHE A 420 -9.05 9.93 22.03
N SER A 421 -9.31 11.06 22.68
CA SER A 421 -10.62 11.35 23.26
C SER A 421 -11.10 12.72 22.79
N ILE A 422 -12.42 12.90 22.82
CA ILE A 422 -12.99 14.17 22.38
C ILE A 422 -12.52 15.31 23.27
N ALA A 423 -12.51 15.09 24.59
CA ALA A 423 -12.11 16.15 25.52
C ALA A 423 -10.65 16.53 25.33
N GLU A 424 -9.78 15.54 25.13
CA GLU A 424 -8.36 15.84 24.93
C GLU A 424 -8.15 16.61 23.63
N LEU A 425 -8.84 16.21 22.56
CA LEU A 425 -8.72 16.92 21.29
C LEU A 425 -9.23 18.35 21.42
N GLN A 426 -10.35 18.54 22.12
CA GLN A 426 -10.87 19.88 22.34
C GLN A 426 -9.91 20.74 23.15
N GLU A 427 -9.29 20.16 24.18
CA GLU A 427 -8.32 20.89 24.99
C GLU A 427 -7.10 21.28 24.15
N ALA A 428 -6.61 20.35 23.33
CA ALA A 428 -5.47 20.66 22.47
C ALA A 428 -5.80 21.75 21.47
N LEU A 429 -6.99 21.68 20.86
CA LEU A 429 -7.37 22.69 19.87
C LEU A 429 -7.74 24.01 20.51
N ASP A 430 -8.02 24.03 21.82
CA ASP A 430 -8.28 25.29 22.50
C ASP A 430 -7.02 26.12 22.70
N SER A 431 -5.85 25.53 22.49
CA SER A 431 -4.59 26.26 22.58
C SER A 431 -3.60 25.57 21.65
N TYR A 432 -3.41 26.16 20.45
CA TYR A 432 -2.52 25.61 19.44
C TYR A 432 -1.64 26.69 18.83
N CYS A 433 -1.32 27.71 19.63
CA CYS A 433 -0.44 28.82 19.27
C CYS A 433 -1.11 29.78 18.31
N LYS A 434 -2.31 29.43 17.84
CA LYS A 434 -3.13 30.29 16.98
C LYS A 434 -2.31 30.91 15.85
N GLU A 435 -1.81 30.02 14.97
CA GLU A 435 -0.85 30.38 13.94
C GLU A 435 -1.22 31.68 13.23
N SER A 436 -2.38 31.72 12.58
CA SER A 436 -2.84 32.93 11.90
C SER A 436 -4.37 32.87 11.86
N ASP A 437 -5.02 33.60 12.75
CA ASP A 437 -6.47 33.64 12.84
C ASP A 437 -6.84 34.81 13.75
N GLU A 438 -8.13 34.92 14.05
CA GLU A 438 -8.58 35.86 15.06
C GLU A 438 -7.99 35.49 16.42
N SER A 439 -7.72 36.51 17.23
CA SER A 439 -7.11 36.28 18.53
C SER A 439 -7.94 35.32 19.38
N LYS A 440 -9.26 35.47 19.35
CA LYS A 440 -10.17 34.54 20.00
C LYS A 440 -11.01 33.86 18.93
N GLU A 441 -10.95 32.53 18.89
CA GLU A 441 -11.68 31.75 17.89
C GLU A 441 -12.96 31.21 18.51
N GLN A 442 -14.07 31.38 17.80
CA GLN A 442 -15.37 30.93 18.28
C GLN A 442 -15.59 29.45 17.97
N LYS A 443 -14.62 28.64 18.43
CA LYS A 443 -14.70 27.20 18.19
C LYS A 443 -15.83 26.57 18.98
N GLU A 444 -15.99 26.96 20.26
CA GLU A 444 -16.97 26.38 21.17
C GLU A 444 -16.71 24.87 21.22
N ASN A 445 -17.68 24.02 20.91
CA ASN A 445 -17.46 22.58 20.82
C ASN A 445 -17.22 22.24 19.34
N SER A 446 -15.97 22.43 18.92
CA SER A 446 -15.65 22.35 17.50
C SER A 446 -15.89 20.96 16.92
N ILE A 447 -15.50 19.91 17.66
CA ILE A 447 -15.68 18.56 17.16
C ILE A 447 -17.17 18.21 17.08
N ALA A 448 -17.91 18.50 18.15
CA ALA A 448 -19.35 18.23 18.14
C ALA A 448 -20.05 19.08 17.10
N ASP A 449 -19.65 20.35 16.95
CA ASP A 449 -20.24 21.19 15.93
C ASP A 449 -19.98 20.63 14.53
N TYR A 450 -18.75 20.16 14.29
CA TYR A 450 -18.43 19.57 12.99
C TYR A 450 -19.29 18.35 12.71
N PHE A 451 -19.41 17.46 13.70
CA PHE A 451 -20.20 16.25 13.50
C PHE A 451 -21.66 16.58 13.23
N LYS A 452 -22.25 17.47 14.05
CA LYS A 452 -23.66 17.77 13.90
C LYS A 452 -23.94 18.56 12.64
N THR A 453 -22.99 19.37 12.17
CA THR A 453 -23.19 20.13 10.94
C THR A 453 -23.03 19.24 9.71
N LEU A 454 -22.07 18.31 9.74
CA LEU A 454 -21.89 17.42 8.60
C LEU A 454 -22.90 16.28 8.57
N ALA A 455 -23.61 16.03 9.68
CA ALA A 455 -24.64 14.99 9.67
C ALA A 455 -25.86 15.41 8.84
N GLN A 456 -26.34 16.64 9.02
CA GLN A 456 -27.59 17.04 8.39
C GLN A 456 -27.46 18.30 7.55
N THR A 457 -26.55 19.21 7.93
CA THR A 457 -26.44 20.50 7.27
C THR A 457 -25.43 20.49 6.12
N LYS A 458 -24.75 19.37 5.87
CA LYS A 458 -23.75 19.33 4.83
C LYS A 458 -24.36 19.60 3.45
N ASN A 459 -25.42 18.87 3.10
CA ASN A 459 -26.12 19.08 1.85
C ASN A 459 -27.63 19.08 1.96
N GLU A 460 -28.20 18.60 3.07
CA GLU A 460 -29.65 18.45 3.24
C GLU A 460 -30.27 17.60 2.13
N THR A 461 -29.48 16.70 1.54
CA THR A 461 -29.96 15.78 0.51
C THR A 461 -29.52 14.35 0.81
N ASP A 462 -29.46 13.98 2.09
CA ASP A 462 -29.06 12.64 2.45
C ASP A 462 -30.04 11.60 1.92
N LYS A 463 -31.34 11.89 2.02
CA LYS A 463 -32.34 10.99 1.46
C LYS A 463 -32.32 11.03 -0.06
N LYS A 464 -32.36 9.85 -0.68
CA LYS A 464 -32.33 9.77 -2.13
C LYS A 464 -33.69 10.14 -2.73
N LYS A 490 -31.71 -0.18 -11.72
CA LYS A 490 -31.06 -0.90 -12.80
C LYS A 490 -29.94 -0.07 -13.41
N ASP A 491 -30.18 1.23 -13.53
CA ASP A 491 -29.18 2.13 -14.11
C ASP A 491 -27.92 2.13 -13.26
N VAL A 492 -26.77 2.04 -13.92
CA VAL A 492 -25.49 2.01 -13.21
C VAL A 492 -25.22 3.34 -12.53
N GLU A 493 -25.70 4.45 -13.12
CA GLU A 493 -25.41 5.77 -12.55
C GLU A 493 -26.07 5.93 -11.18
N LYS A 494 -27.35 5.59 -11.07
CA LYS A 494 -28.05 5.74 -9.79
C LYS A 494 -27.45 4.83 -8.73
N ILE A 495 -27.15 3.58 -9.08
CA ILE A 495 -26.58 2.64 -8.12
C ILE A 495 -25.21 3.14 -7.65
N LYS A 496 -24.37 3.60 -8.59
CA LYS A 496 -23.06 4.10 -8.21
C LYS A 496 -23.16 5.35 -7.34
N ALA A 497 -24.10 6.24 -7.65
CA ALA A 497 -24.28 7.44 -6.82
C ALA A 497 -24.73 7.06 -5.41
N PHE A 498 -25.67 6.12 -5.29
CA PHE A 498 -26.11 5.67 -3.97
C PHE A 498 -24.96 5.06 -3.19
N LEU A 499 -24.19 4.19 -3.83
CA LEU A 499 -23.06 3.55 -3.16
C LEU A 499 -22.00 4.56 -2.76
N ASP A 500 -21.74 5.56 -3.61
CA ASP A 500 -20.75 6.57 -3.27
C ASP A 500 -21.23 7.45 -2.12
N SER A 501 -22.52 7.76 -2.07
CA SER A 501 -23.05 8.52 -0.95
C SER A 501 -22.91 7.74 0.35
N ILE A 502 -23.21 6.44 0.33
CA ILE A 502 -23.03 5.63 1.53
C ILE A 502 -21.56 5.51 1.88
N MET A 503 -20.68 5.43 0.87
CA MET A 503 -19.24 5.45 1.13
C MET A 503 -18.83 6.73 1.86
N ASN A 504 -19.33 7.87 1.40
CA ASN A 504 -19.00 9.15 2.04
C ASN A 504 -19.50 9.18 3.49
N LEU A 505 -20.74 8.72 3.71
CA LEU A 505 -21.27 8.71 5.07
C LEU A 505 -20.47 7.79 5.98
N GLN A 506 -20.12 6.59 5.48
CA GLN A 506 -19.36 5.65 6.29
C GLN A 506 -17.96 6.19 6.60
N HIS A 507 -17.31 6.81 5.62
CA HIS A 507 -15.99 7.39 5.86
C HIS A 507 -16.08 8.53 6.86
N PHE A 508 -17.14 9.34 6.77
CA PHE A 508 -17.30 10.45 7.70
C PHE A 508 -17.53 9.95 9.13
N VAL A 509 -18.30 8.87 9.29
CA VAL A 509 -18.59 8.35 10.63
C VAL A 509 -17.55 7.38 11.15
N LYS A 510 -16.60 6.96 10.30
CA LYS A 510 -15.60 5.99 10.71
C LYS A 510 -14.76 6.41 11.92
N PRO A 511 -14.29 7.66 12.06
CA PRO A 511 -13.40 7.98 13.19
C PRO A 511 -13.98 7.62 14.56
N LEU A 512 -15.28 7.76 14.75
CA LEU A 512 -15.88 7.44 16.05
C LEU A 512 -15.94 5.96 16.34
N HIS A 513 -15.68 5.11 15.35
CA HIS A 513 -15.81 3.66 15.53
C HIS A 513 -14.61 3.09 16.26
N LEU A 514 -14.86 2.09 17.10
CA LEU A 514 -13.81 1.37 17.81
C LEU A 514 -13.36 0.17 16.99
N VAL A 515 -12.07 0.13 16.67
CA VAL A 515 -11.52 -1.01 15.93
C VAL A 515 -11.20 -2.13 16.91
N LYS A 516 -11.74 -3.30 16.64
CA LYS A 516 -11.58 -4.54 17.43
C LYS A 516 -11.75 -4.22 18.92
N GLY A 517 -11.08 -4.98 19.79
CA GLY A 517 -11.14 -4.74 21.22
C GLY A 517 -9.77 -4.72 21.87
N GLY A 518 -9.51 -3.72 22.71
CA GLY A 518 -8.23 -3.60 23.36
C GLY A 518 -7.07 -3.32 22.43
N SER A 519 -7.26 -2.43 21.47
CA SER A 519 -6.22 -2.09 20.49
C SER A 519 -5.13 -1.27 21.17
N ALA A 520 -4.03 -1.94 21.51
CA ALA A 520 -2.87 -1.29 22.15
C ALA A 520 -3.28 -0.55 23.42
N GLY A 521 -4.12 -1.21 24.23
CA GLY A 521 -4.60 -0.61 25.46
C GLY A 521 -5.71 0.39 25.24
N ALA A 522 -5.70 1.49 25.98
CA ALA A 522 -6.72 2.54 25.93
C ALA A 522 -8.07 1.87 26.25
N GLU A 523 -9.10 2.04 25.40
CA GLU A 523 -10.40 1.37 25.57
C GLU A 523 -10.95 1.51 26.99
N MET A 524 -10.64 2.62 27.64
CA MET A 524 -11.15 2.90 28.97
C MET A 524 -12.68 2.89 28.97
N GLU A 525 -13.26 2.76 30.16
CA GLU A 525 -14.71 2.64 30.30
C GLU A 525 -15.42 3.75 29.55
N LYS A 526 -16.20 3.35 28.56
CA LYS A 526 -16.89 4.26 27.65
C LYS A 526 -18.26 4.61 28.21
N ASP A 527 -18.83 5.69 27.67
CA ASP A 527 -20.18 6.06 28.05
C ASP A 527 -21.21 5.07 27.49
N GLU A 528 -22.29 4.87 28.22
CA GLU A 528 -23.32 3.92 27.80
C GLU A 528 -24.22 4.53 26.73
N ALA A 529 -24.86 5.65 27.05
CA ALA A 529 -25.97 6.16 26.25
C ALA A 529 -25.57 6.52 24.83
N PHE A 530 -24.28 6.72 24.56
CA PHE A 530 -23.82 7.02 23.21
C PHE A 530 -23.16 5.82 22.54
N TYR A 531 -22.13 5.24 23.16
CA TYR A 531 -21.39 4.17 22.51
C TYR A 531 -22.20 2.88 22.41
N SER A 532 -23.05 2.59 23.40
CA SER A 532 -23.87 1.39 23.32
C SER A 532 -24.79 1.44 22.11
N GLU A 533 -25.38 2.61 21.85
CA GLU A 533 -26.21 2.77 20.66
C GLU A 533 -25.36 2.77 19.38
N PHE A 534 -24.20 3.43 19.42
CA PHE A 534 -23.40 3.61 18.21
C PHE A 534 -22.82 2.29 17.72
N GLU A 535 -22.36 1.44 18.64
CA GLU A 535 -21.75 0.17 18.22
C GLU A 535 -22.77 -0.73 17.52
N ALA A 536 -24.02 -0.74 18.00
CA ALA A 536 -25.06 -1.51 17.35
C ALA A 536 -25.57 -0.83 16.09
N LEU A 537 -25.50 0.50 16.01
CA LEU A 537 -25.98 1.20 14.84
C LEU A 537 -24.99 1.11 13.67
N TYR A 538 -23.69 1.06 13.96
CA TYR A 538 -22.69 1.12 12.89
C TYR A 538 -22.68 -0.15 12.06
N GLU A 539 -22.88 -1.31 12.70
CA GLU A 539 -22.82 -2.57 11.97
C GLU A 539 -23.89 -2.66 10.89
N GLU A 540 -25.08 -2.09 11.14
CA GLU A 540 -26.11 -2.07 10.12
C GLU A 540 -25.69 -1.27 8.90
N LEU A 541 -24.86 -0.24 9.10
CA LEU A 541 -24.38 0.58 8.00
C LEU A 541 -23.03 0.12 7.47
N SER A 542 -22.25 -0.60 8.28
CA SER A 542 -20.94 -1.09 7.83
C SER A 542 -21.05 -2.21 6.80
N GLN A 543 -22.26 -2.74 6.57
CA GLN A 543 -22.43 -3.83 5.62
C GLN A 543 -22.16 -3.42 4.18
N VAL A 544 -22.07 -2.11 3.90
CA VAL A 544 -21.77 -1.66 2.54
C VAL A 544 -20.34 -2.03 2.16
N ILE A 545 -19.41 -1.91 3.11
CA ILE A 545 -17.98 -2.13 2.79
C ILE A 545 -17.74 -3.48 2.11
N PRO A 546 -18.28 -4.60 2.58
CA PRO A 546 -18.16 -5.83 1.78
C PRO A 546 -19.03 -5.80 0.53
N LEU A 547 -20.28 -5.37 0.65
CA LEU A 547 -21.18 -5.40 -0.49
C LEU A 547 -20.67 -4.52 -1.63
N TYR A 548 -20.17 -3.33 -1.31
CA TYR A 548 -19.57 -2.49 -2.34
C TYR A 548 -18.46 -3.23 -3.08
N ASN A 549 -17.68 -4.03 -2.35
CA ASN A 549 -16.64 -4.82 -2.99
C ASN A 549 -17.21 -5.69 -4.09
N LYS A 550 -18.37 -6.31 -3.85
CA LYS A 550 -19.01 -7.11 -4.88
C LYS A 550 -19.28 -6.29 -6.13
N VAL A 551 -19.78 -5.06 -5.94
CA VAL A 551 -19.97 -4.17 -7.09
C VAL A 551 -18.64 -3.89 -7.76
N ARG A 552 -17.59 -3.68 -6.96
CA ARG A 552 -16.25 -3.51 -7.52
C ARG A 552 -15.70 -4.81 -8.09
N ASN A 553 -16.27 -5.96 -7.72
CA ASN A 553 -15.81 -7.24 -8.21
C ASN A 553 -16.63 -7.79 -9.36
N TYR A 554 -17.93 -7.49 -9.41
CA TYR A 554 -18.78 -8.00 -10.48
C TYR A 554 -18.87 -7.02 -11.65
N LEU A 555 -19.25 -5.77 -11.38
CA LEU A 555 -19.46 -4.81 -12.44
C LEU A 555 -18.17 -4.42 -13.15
N THR A 556 -17.02 -4.68 -12.54
CA THR A 556 -15.72 -4.38 -13.14
C THR A 556 -14.94 -5.69 -13.24
N GLN A 557 -15.15 -6.41 -14.34
CA GLN A 557 -14.44 -7.65 -14.60
C GLN A 557 -13.88 -7.63 -16.01
N LYS A 558 -12.71 -8.25 -16.17
CA LYS A 558 -12.11 -8.24 -17.50
C LYS A 558 -12.49 -9.49 -18.28
N PRO A 559 -12.85 -9.34 -19.56
CA PRO A 559 -13.17 -10.53 -20.37
C PRO A 559 -11.99 -11.46 -20.59
N TYR A 560 -10.76 -10.97 -20.39
CA TYR A 560 -9.55 -11.74 -20.61
C TYR A 560 -8.90 -12.09 -19.27
N SER A 561 -7.89 -12.96 -19.35
CA SER A 561 -7.12 -13.37 -18.18
C SER A 561 -5.64 -13.34 -18.51
N THR A 562 -4.83 -13.06 -17.49
CA THR A 562 -3.38 -13.01 -17.64
C THR A 562 -2.79 -14.36 -17.23
N GLU A 563 -2.06 -14.99 -18.15
CA GLU A 563 -1.47 -16.30 -17.92
C GLU A 563 0.04 -16.19 -17.91
N LYS A 564 0.69 -17.08 -17.16
CA LYS A 564 2.13 -17.05 -16.94
C LYS A 564 2.74 -18.35 -17.43
N ILE A 565 3.83 -18.23 -18.20
CA ILE A 565 4.62 -19.37 -18.66
C ILE A 565 6.04 -19.20 -18.13
N LYS A 566 6.61 -20.27 -17.59
CA LYS A 566 7.95 -20.24 -17.05
C LYS A 566 8.92 -20.83 -18.08
N LEU A 567 9.92 -20.06 -18.45
CA LEU A 567 10.91 -20.47 -19.42
C LEU A 567 12.22 -20.85 -18.75
N ASN A 568 13.06 -21.57 -19.48
CA ASN A 568 14.34 -22.03 -18.95
C ASN A 568 15.28 -22.21 -20.14
N PHE A 569 16.20 -21.26 -20.33
CA PHE A 569 17.15 -21.36 -21.42
C PHE A 569 17.99 -22.62 -21.28
N GLU A 570 18.19 -23.31 -22.40
CA GLU A 570 18.83 -24.62 -22.38
C GLU A 570 20.32 -24.50 -22.15
N ASN A 571 20.80 -25.01 -21.02
CA ASN A 571 22.23 -25.07 -20.77
C ASN A 571 22.88 -26.05 -21.73
N SER A 572 24.08 -25.69 -22.19
CA SER A 572 24.82 -26.55 -23.11
C SER A 572 25.83 -27.45 -22.39
N THR A 573 25.85 -27.42 -21.05
CA THR A 573 26.74 -28.28 -20.30
C THR A 573 26.20 -29.71 -20.27
N LEU A 574 27.07 -30.64 -19.88
CA LEU A 574 26.67 -32.03 -19.66
C LEU A 574 25.88 -32.22 -18.37
N LEU A 575 25.52 -31.14 -17.69
CA LEU A 575 24.72 -31.25 -16.48
C LEU A 575 23.33 -31.81 -16.76
N ASP A 576 22.77 -31.48 -17.92
CA ASP A 576 21.42 -31.94 -18.26
C ASP A 576 21.36 -33.46 -18.30
N GLY A 577 20.38 -34.02 -17.58
CA GLY A 577 20.21 -35.45 -17.51
C GLY A 577 21.19 -36.18 -16.63
N TRP A 578 22.36 -35.58 -16.35
CA TRP A 578 23.38 -36.25 -15.55
C TRP A 578 23.03 -36.23 -14.07
N ASP A 579 22.90 -35.04 -13.49
CA ASP A 579 22.64 -34.91 -12.06
C ASP A 579 21.30 -34.25 -11.76
N VAL A 580 21.03 -33.08 -12.35
CA VAL A 580 19.85 -32.30 -12.01
C VAL A 580 18.96 -32.21 -13.25
N ASN A 581 17.81 -32.88 -13.20
CA ASN A 581 16.78 -32.76 -14.22
C ASN A 581 15.40 -32.69 -13.57
N LYS A 582 15.29 -31.89 -12.50
CA LYS A 582 14.06 -31.87 -11.71
C LYS A 582 12.87 -31.43 -12.54
N GLU A 583 12.99 -30.28 -13.21
CA GLU A 583 11.89 -29.75 -14.01
C GLU A 583 12.46 -29.18 -15.30
N THR A 584 12.01 -29.72 -16.44
CA THR A 584 12.45 -29.22 -17.73
C THR A 584 11.79 -27.89 -18.08
N ASP A 585 10.60 -27.64 -17.55
CA ASP A 585 9.83 -26.42 -17.83
C ASP A 585 9.62 -26.33 -19.34
N ASN A 586 9.66 -25.14 -19.93
CA ASN A 586 9.55 -24.94 -21.37
C ASN A 586 10.87 -24.37 -21.84
N THR A 587 11.79 -25.26 -22.24
CA THR A 587 13.11 -24.82 -22.69
C THR A 587 12.98 -23.96 -23.94
N SER A 588 13.53 -22.75 -23.87
CA SER A 588 13.45 -21.78 -24.95
C SER A 588 14.84 -21.32 -25.35
N VAL A 589 15.00 -21.03 -26.64
CA VAL A 589 16.27 -20.54 -27.17
C VAL A 589 16.13 -19.06 -27.47
N LEU A 590 17.27 -18.43 -27.74
CA LEU A 590 17.32 -16.99 -28.01
C LEU A 590 18.08 -16.79 -29.32
N LEU A 591 17.46 -16.09 -30.26
CA LEU A 591 18.02 -15.91 -31.60
C LEU A 591 18.08 -14.43 -31.95
N ARG A 592 19.12 -14.05 -32.69
CA ARG A 592 19.23 -12.71 -33.25
C ARG A 592 19.61 -12.82 -34.71
N LYS A 593 19.06 -11.92 -35.54
CA LYS A 593 19.28 -11.97 -36.97
C LYS A 593 20.06 -10.76 -37.48
N ASP A 594 19.59 -9.54 -37.21
CA ASP A 594 20.24 -8.34 -37.71
C ASP A 594 20.29 -7.26 -36.64
N GLY A 595 20.30 -7.66 -35.37
CA GLY A 595 20.22 -6.72 -34.27
C GLY A 595 18.89 -6.75 -33.53
N LEU A 596 17.96 -7.61 -33.93
CA LEU A 596 16.68 -7.78 -33.26
C LEU A 596 16.64 -9.18 -32.69
N TYR A 597 16.67 -9.28 -31.36
CA TYR A 597 16.70 -10.58 -30.70
C TYR A 597 15.31 -11.21 -30.69
N TYR A 598 15.30 -12.55 -30.72
CA TYR A 598 14.07 -13.32 -30.77
C TYR A 598 14.01 -14.28 -29.58
N LEU A 599 12.80 -14.73 -29.27
CA LEU A 599 12.54 -15.76 -28.28
C LEU A 599 12.03 -17.00 -29.01
N GLY A 600 12.54 -18.16 -28.59
CA GLY A 600 12.48 -19.37 -29.38
C GLY A 600 11.81 -20.55 -28.70
N ILE A 601 10.67 -20.33 -28.03
CA ILE A 601 10.06 -21.38 -27.23
C ILE A 601 9.84 -22.62 -28.10
N MET A 602 10.13 -23.79 -27.52
CA MET A 602 9.97 -25.04 -28.25
C MET A 602 8.98 -25.95 -27.52
N ASN A 603 8.20 -26.68 -28.31
CA ASN A 603 7.22 -27.60 -27.74
C ASN A 603 7.91 -28.70 -26.95
N LYS A 604 7.27 -29.13 -25.87
CA LYS A 604 7.84 -30.19 -25.04
C LYS A 604 7.94 -31.52 -25.77
N LYS A 605 7.15 -31.71 -26.83
CA LYS A 605 7.21 -32.94 -27.62
C LYS A 605 8.43 -33.00 -28.52
N HIS A 606 9.01 -31.87 -28.88
CA HIS A 606 10.10 -31.79 -29.85
C HIS A 606 11.30 -31.05 -29.27
N ASN A 607 11.69 -31.41 -28.04
CA ASN A 607 12.83 -30.76 -27.41
C ASN A 607 14.13 -31.02 -28.16
N LYS A 608 14.21 -32.12 -28.92
CA LYS A 608 15.44 -32.51 -29.60
C LYS A 608 15.52 -32.01 -31.02
N VAL A 609 14.83 -30.91 -31.35
CA VAL A 609 14.86 -30.40 -32.71
C VAL A 609 16.22 -29.81 -33.05
N PHE A 610 16.78 -29.02 -32.13
CA PHE A 610 18.04 -28.31 -32.39
C PHE A 610 19.27 -29.19 -32.21
N GLU A 611 19.10 -30.50 -32.17
CA GLU A 611 20.21 -31.43 -31.99
C GLU A 611 20.56 -32.07 -33.33
N ASN A 612 21.87 -32.17 -33.59
CA ASN A 612 22.40 -32.79 -34.81
C ASN A 612 21.92 -32.05 -36.06
N ILE A 613 21.96 -30.73 -36.02
CA ILE A 613 21.63 -29.88 -37.16
C ILE A 613 22.94 -29.50 -37.85
N PRO A 614 23.19 -29.97 -39.07
CA PRO A 614 24.49 -29.72 -39.72
C PRO A 614 24.57 -28.41 -40.51
N GLU A 615 23.62 -27.50 -40.34
CA GLU A 615 23.59 -26.18 -40.97
C GLU A 615 23.33 -26.26 -42.48
N SER A 616 23.21 -27.45 -43.04
CA SER A 616 23.00 -27.67 -44.49
C SER A 616 24.19 -27.03 -45.23
N ASN A 617 23.96 -26.36 -46.35
CA ASN A 617 25.04 -25.76 -47.12
C ASN A 617 25.23 -24.30 -46.72
N GLU A 618 26.35 -23.73 -47.17
CA GLU A 618 26.66 -22.34 -46.89
C GLU A 618 25.94 -21.44 -47.90
N ASN A 619 26.29 -20.14 -47.90
CA ASN A 619 25.77 -19.11 -48.78
C ASN A 619 24.34 -18.70 -48.45
N ASP A 620 23.70 -19.37 -47.49
CA ASP A 620 22.35 -19.02 -47.07
C ASP A 620 22.39 -18.10 -45.86
N LYS A 621 21.40 -17.20 -45.78
CA LYS A 621 21.32 -16.29 -44.64
C LYS A 621 21.12 -17.08 -43.36
N CYS A 622 21.72 -16.60 -42.28
CA CYS A 622 21.77 -17.37 -41.04
C CYS A 622 21.29 -16.53 -39.87
N TYR A 623 20.36 -17.09 -39.10
CA TYR A 623 20.07 -16.60 -37.76
C TYR A 623 21.25 -16.89 -36.85
N GLU A 624 21.42 -16.06 -35.83
CA GLU A 624 22.44 -16.29 -34.80
C GLU A 624 21.74 -16.82 -33.55
N LYS A 625 22.17 -17.99 -33.09
CA LYS A 625 21.56 -18.67 -31.96
C LYS A 625 22.53 -18.70 -30.79
N MET A 626 22.04 -18.39 -29.60
CA MET A 626 22.87 -18.36 -28.41
C MET A 626 23.04 -19.76 -27.85
N ASP A 627 24.28 -20.08 -27.44
CA ASP A 627 24.61 -21.36 -26.81
C ASP A 627 24.89 -21.08 -25.34
N TYR A 628 23.84 -21.13 -24.53
CA TYR A 628 23.94 -20.81 -23.11
C TYR A 628 24.75 -21.87 -22.38
N LYS A 629 25.72 -21.42 -21.59
CA LYS A 629 26.57 -22.32 -20.80
C LYS A 629 26.69 -21.75 -19.40
N LEU A 630 26.03 -22.37 -18.43
CA LEU A 630 26.05 -21.90 -17.05
C LEU A 630 26.24 -23.07 -16.11
N LEU A 631 27.01 -22.84 -15.04
CA LEU A 631 27.24 -23.84 -14.00
C LEU A 631 26.67 -23.32 -12.69
N PRO A 632 25.44 -23.70 -12.33
CA PRO A 632 24.79 -23.11 -11.16
C PRO A 632 25.06 -23.87 -9.87
N GLY A 633 25.06 -23.11 -8.78
CA GLY A 633 25.21 -23.67 -7.44
C GLY A 633 26.45 -24.52 -7.28
N ALA A 634 27.63 -23.90 -7.35
CA ALA A 634 28.86 -24.66 -7.31
C ALA A 634 29.00 -25.44 -6.01
N ASN A 635 28.71 -24.81 -4.87
CA ASN A 635 28.90 -25.47 -3.59
C ASN A 635 27.96 -26.67 -3.43
N LYS A 636 26.75 -26.58 -3.96
CA LYS A 636 25.79 -27.68 -3.84
C LYS A 636 25.92 -28.71 -4.95
N MET A 637 26.37 -28.33 -6.14
CA MET A 637 26.39 -29.22 -7.29
C MET A 637 27.74 -29.89 -7.51
N LEU A 638 28.84 -29.15 -7.31
CA LEU A 638 30.17 -29.71 -7.56
C LEU A 638 30.44 -30.99 -6.77
N PRO A 639 30.25 -31.06 -5.45
CA PRO A 639 30.54 -32.31 -4.75
C PRO A 639 29.50 -33.40 -4.98
N LYS A 640 28.38 -33.10 -5.64
CA LYS A 640 27.42 -34.13 -5.98
C LYS A 640 27.96 -35.02 -7.10
N VAL A 641 28.54 -34.41 -8.13
CA VAL A 641 29.09 -35.18 -9.25
C VAL A 641 30.34 -35.93 -8.83
N PHE A 642 31.18 -35.30 -8.00
CA PHE A 642 32.52 -35.84 -7.78
C PHE A 642 32.51 -37.01 -6.80
N PHE A 643 32.06 -36.79 -5.57
CA PHE A 643 32.12 -37.86 -4.57
C PHE A 643 30.82 -37.97 -3.79
N SER A 644 29.69 -37.83 -4.48
CA SER A 644 28.39 -38.11 -3.88
C SER A 644 27.48 -38.96 -4.74
N ASN A 645 27.77 -39.11 -6.03
CA ASN A 645 26.98 -39.92 -6.95
C ASN A 645 27.79 -40.06 -8.24
N LYS A 646 27.19 -40.67 -9.25
CA LYS A 646 27.76 -40.76 -10.60
C LYS A 646 29.12 -41.46 -10.58
N ASN A 647 29.09 -42.74 -10.21
CA ASN A 647 30.25 -43.64 -10.21
C ASN A 647 31.49 -42.98 -9.61
N ILE A 648 31.38 -42.67 -8.31
CA ILE A 648 32.48 -42.05 -7.56
C ILE A 648 33.77 -42.84 -7.72
N ASP A 649 33.67 -44.17 -7.87
CA ASP A 649 34.86 -45.01 -7.98
C ASP A 649 35.68 -44.71 -9.22
N TYR A 650 35.12 -44.04 -10.23
CA TYR A 650 35.89 -43.71 -11.42
C TYR A 650 36.90 -42.60 -11.14
N PHE A 651 36.47 -41.55 -10.42
CA PHE A 651 37.37 -40.45 -10.10
C PHE A 651 38.40 -40.87 -9.04
N ASN A 652 38.03 -41.76 -8.14
CA ASN A 652 38.91 -42.33 -7.11
C ASN A 652 39.49 -41.24 -6.21
N PRO A 653 38.66 -40.58 -5.40
CA PRO A 653 39.22 -39.57 -4.47
C PRO A 653 40.03 -40.19 -3.35
N SER A 654 39.56 -41.30 -2.78
CA SER A 654 40.20 -41.99 -1.64
C SER A 654 40.29 -40.99 -0.49
N ALA A 655 41.39 -41.00 0.27
CA ALA A 655 41.60 -40.08 1.40
C ALA A 655 40.40 -40.08 2.33
N GLU A 656 39.88 -41.29 2.62
CA GLU A 656 38.65 -41.51 3.39
C GLU A 656 37.57 -40.50 3.01
N ILE A 657 37.39 -40.31 1.70
CA ILE A 657 36.44 -39.38 1.11
C ILE A 657 36.58 -38.01 1.76
N LEU A 658 37.82 -37.62 2.06
CA LEU A 658 38.13 -36.36 2.72
C LEU A 658 37.29 -36.18 3.98
N GLU A 659 37.27 -37.24 4.80
CA GLU A 659 36.41 -37.32 5.97
C GLU A 659 34.95 -37.13 5.55
N ILE A 660 34.37 -35.97 5.87
CA ILE A 660 33.04 -35.61 5.41
C ILE A 660 33.18 -34.46 4.42
N TYR A 661 32.56 -34.61 3.25
CA TYR A 661 32.62 -33.63 2.16
C TYR A 661 34.03 -33.09 1.92
N ASP A 676 44.32 -27.91 6.66
CA ASP A 676 44.73 -27.99 5.26
C ASP A 676 43.86 -29.00 4.51
N ASP A 677 42.90 -29.60 5.22
CA ASP A 677 41.99 -30.53 4.56
C ASP A 677 41.15 -29.83 3.50
N CYS A 678 40.66 -28.62 3.80
CA CYS A 678 39.90 -27.87 2.82
C CYS A 678 40.76 -27.53 1.60
N HIS A 679 42.01 -27.15 1.83
CA HIS A 679 42.90 -26.85 0.70
C HIS A 679 43.18 -28.09 -0.13
N LYS A 680 43.33 -29.25 0.53
CA LYS A 680 43.50 -30.50 -0.21
C LYS A 680 42.27 -30.82 -1.05
N LEU A 681 41.08 -30.59 -0.50
CA LEU A 681 39.86 -30.82 -1.26
C LEU A 681 39.77 -29.87 -2.45
N ILE A 682 40.17 -28.60 -2.26
CA ILE A 682 40.16 -27.65 -3.37
C ILE A 682 41.14 -28.08 -4.45
N ASP A 683 42.33 -28.54 -4.05
CA ASP A 683 43.29 -29.02 -5.04
C ASP A 683 42.76 -30.24 -5.79
N PHE A 684 42.07 -31.14 -5.08
CA PHE A 684 41.47 -32.29 -5.73
C PHE A 684 40.41 -31.85 -6.73
N PHE A 685 39.59 -30.86 -6.36
CA PHE A 685 38.59 -30.34 -7.29
C PHE A 685 39.26 -29.72 -8.51
N LYS A 686 40.33 -28.96 -8.30
CA LYS A 686 41.01 -28.31 -9.42
C LYS A 686 41.62 -29.33 -10.37
N GLU A 687 42.22 -30.39 -9.84
CA GLU A 687 42.81 -31.40 -10.70
C GLU A 687 41.76 -32.29 -11.36
N SER A 688 40.62 -32.49 -10.70
CA SER A 688 39.55 -33.30 -11.30
C SER A 688 38.77 -32.54 -12.36
N ILE A 689 38.71 -31.20 -12.25
CA ILE A 689 38.03 -30.42 -13.28
C ILE A 689 38.71 -30.60 -14.62
N ASN A 690 40.04 -30.68 -14.63
CA ASN A 690 40.77 -30.92 -15.87
C ASN A 690 40.42 -32.27 -16.47
N LYS A 691 40.04 -33.24 -15.64
CA LYS A 691 39.63 -34.54 -16.15
C LYS A 691 38.36 -34.42 -16.98
N HIS A 692 37.41 -33.62 -16.53
CA HIS A 692 36.16 -33.42 -17.26
C HIS A 692 36.42 -32.71 -18.58
N GLU A 693 35.62 -33.05 -19.58
CA GLU A 693 35.81 -32.51 -20.93
C GLU A 693 35.03 -31.21 -21.14
N ASP A 694 33.71 -31.26 -20.95
CA ASP A 694 32.90 -30.06 -21.17
C ASP A 694 33.25 -28.96 -20.17
N TRP A 695 33.51 -29.33 -18.92
CA TRP A 695 33.84 -28.34 -17.90
C TRP A 695 35.20 -27.69 -18.14
N LYS A 696 36.06 -28.29 -18.96
CA LYS A 696 37.31 -27.65 -19.33
C LYS A 696 37.11 -26.55 -20.36
N LYS A 697 36.05 -26.64 -21.17
CA LYS A 697 35.82 -25.65 -22.22
C LYS A 697 35.54 -24.26 -21.66
N PHE A 698 35.21 -24.15 -20.38
CA PHE A 698 35.03 -22.85 -19.76
C PHE A 698 36.32 -22.06 -19.67
N GLY A 699 37.47 -22.72 -19.82
CA GLY A 699 38.75 -22.04 -19.68
C GLY A 699 38.98 -21.52 -18.28
N PHE A 700 38.80 -22.38 -17.28
CA PHE A 700 38.96 -21.98 -15.89
C PHE A 700 40.37 -21.46 -15.64
N LYS A 701 40.44 -20.29 -15.00
CA LYS A 701 41.72 -19.68 -14.59
C LYS A 701 41.62 -19.43 -13.10
N PHE A 702 41.99 -20.43 -12.30
CA PHE A 702 41.88 -20.35 -10.85
C PHE A 702 42.97 -19.47 -10.27
N SER A 703 42.77 -19.06 -9.03
CA SER A 703 43.79 -18.35 -8.29
C SER A 703 44.92 -19.31 -7.92
N PRO A 704 46.10 -18.79 -7.58
CA PRO A 704 47.20 -19.66 -7.18
C PRO A 704 46.81 -20.58 -6.03
N THR A 705 47.28 -21.81 -6.10
CA THR A 705 46.90 -22.83 -5.13
C THR A 705 47.41 -22.47 -3.73
N SER A 706 46.68 -22.94 -2.72
CA SER A 706 47.01 -22.70 -1.31
C SER A 706 47.02 -21.21 -0.98
N SER A 707 46.00 -20.51 -1.48
CA SER A 707 45.81 -19.10 -1.17
C SER A 707 44.35 -18.77 -0.89
N TYR A 708 43.53 -19.77 -0.56
CA TYR A 708 42.09 -19.60 -0.43
C TYR A 708 41.69 -19.43 1.02
N GLU A 709 40.55 -18.78 1.21
CA GLU A 709 39.82 -18.79 2.47
C GLU A 709 39.02 -20.09 2.55
N ASP A 710 38.07 -20.16 3.47
CA ASP A 710 37.16 -21.30 3.57
C ASP A 710 36.66 -21.72 2.19
N ILE A 711 36.55 -23.03 1.99
CA ILE A 711 36.36 -23.62 0.67
C ILE A 711 35.22 -22.97 -0.10
N SER A 712 34.19 -22.50 0.61
CA SER A 712 33.04 -21.91 -0.06
C SER A 712 33.45 -20.78 -0.99
N GLY A 713 34.40 -19.95 -0.55
CA GLY A 713 34.88 -18.87 -1.40
C GLY A 713 35.43 -19.38 -2.72
N PHE A 714 36.18 -20.48 -2.68
CA PHE A 714 36.68 -21.07 -3.93
C PHE A 714 35.52 -21.45 -4.83
N TYR A 715 34.45 -21.99 -4.26
CA TYR A 715 33.28 -22.33 -5.07
C TYR A 715 32.80 -21.13 -5.86
N ARG A 716 32.89 -19.93 -5.25
CA ARG A 716 32.52 -18.71 -5.96
C ARG A 716 33.23 -18.62 -7.30
N GLU A 717 34.55 -18.84 -7.31
CA GLU A 717 35.29 -18.79 -8.57
C GLU A 717 34.73 -19.80 -9.56
N VAL A 718 34.46 -21.02 -9.09
CA VAL A 718 33.87 -22.03 -9.98
C VAL A 718 32.54 -21.55 -10.52
N GLU A 719 31.76 -20.87 -9.68
CA GLU A 719 30.51 -20.29 -10.16
C GLU A 719 30.76 -19.05 -11.01
N GLN A 720 31.82 -18.30 -10.73
CA GLN A 720 32.02 -17.02 -11.42
C GLN A 720 32.53 -17.21 -12.84
N GLN A 721 33.41 -18.19 -13.05
CA GLN A 721 33.96 -18.45 -14.37
C GLN A 721 33.15 -19.47 -15.16
N GLY A 722 32.13 -20.07 -14.56
CA GLY A 722 31.34 -21.06 -15.28
C GLY A 722 30.51 -20.46 -16.39
N TYR A 723 29.94 -19.28 -16.17
CA TYR A 723 29.00 -18.71 -17.11
C TYR A 723 29.72 -18.25 -18.37
N LYS A 724 29.18 -18.63 -19.52
CA LYS A 724 29.78 -18.30 -20.82
C LYS A 724 28.70 -18.37 -21.88
N ILE A 725 28.74 -17.43 -22.82
CA ILE A 725 27.76 -17.34 -23.90
C ILE A 725 28.50 -17.39 -25.23
N SER A 726 28.06 -18.27 -26.12
CA SER A 726 28.62 -18.39 -27.46
C SER A 726 27.50 -18.36 -28.48
N PHE A 727 27.74 -17.72 -29.61
CA PHE A 727 26.75 -17.56 -30.66
C PHE A 727 27.16 -18.36 -31.89
N LYS A 728 26.25 -19.21 -32.37
CA LYS A 728 26.47 -20.01 -33.57
C LYS A 728 25.52 -19.55 -34.67
N ASN A 729 25.74 -20.07 -35.87
CA ASN A 729 24.95 -19.72 -37.04
C ASN A 729 24.05 -20.89 -37.42
N ILE A 730 22.77 -20.59 -37.66
CA ILE A 730 21.79 -21.59 -38.07
C ILE A 730 21.11 -21.07 -39.34
N SER A 731 20.74 -22.01 -40.22
CA SER A 731 20.16 -21.63 -41.50
C SER A 731 18.79 -20.98 -41.30
N GLU A 732 18.57 -19.87 -42.01
CA GLU A 732 17.28 -19.17 -41.91
C GLU A 732 16.15 -20.01 -42.50
N SER A 733 16.42 -20.74 -43.58
CA SER A 733 15.40 -21.58 -44.18
C SER A 733 14.94 -22.67 -43.21
N TYR A 734 15.89 -23.23 -42.46
CA TYR A 734 15.52 -24.22 -41.44
C TYR A 734 14.62 -23.61 -40.39
N ILE A 735 14.91 -22.39 -39.94
CA ILE A 735 14.09 -21.73 -38.94
C ILE A 735 12.70 -21.45 -39.49
N ASP A 736 12.61 -21.01 -40.75
CA ASP A 736 11.32 -20.74 -41.35
C ASP A 736 10.50 -22.01 -41.49
N GLU A 737 11.13 -23.11 -41.90
CA GLU A 737 10.42 -24.39 -41.96
C GLU A 737 9.96 -24.83 -40.59
N LEU A 738 10.80 -24.64 -39.57
CA LEU A 738 10.42 -24.98 -38.20
C LEU A 738 9.18 -24.20 -37.76
N VAL A 739 9.18 -22.89 -38.03
CA VAL A 739 8.07 -22.05 -37.59
C VAL A 739 6.81 -22.37 -38.41
N ASP A 740 6.97 -22.77 -39.67
CA ASP A 740 5.81 -23.15 -40.47
C ASP A 740 5.20 -24.45 -39.96
N GLU A 741 6.04 -25.43 -39.63
CA GLU A 741 5.53 -26.70 -39.12
C GLU A 741 4.78 -26.50 -37.80
N GLY A 742 5.34 -25.69 -36.91
CA GLY A 742 4.73 -25.43 -35.62
C GLY A 742 5.48 -25.94 -34.42
N LYS A 743 6.72 -26.40 -34.59
CA LYS A 743 7.52 -26.89 -33.49
C LYS A 743 8.27 -25.79 -32.75
N LEU A 744 8.13 -24.53 -33.19
CA LEU A 744 8.93 -23.45 -32.64
C LEU A 744 8.08 -22.19 -32.59
N TYR A 745 7.71 -21.76 -31.38
CA TYR A 745 7.03 -20.47 -31.19
C TYR A 745 8.10 -19.39 -31.09
N LEU A 746 8.16 -18.53 -32.11
CA LEU A 746 9.18 -17.51 -32.24
C LEU A 746 8.52 -16.14 -32.08
N PHE A 747 9.01 -15.37 -31.11
CA PHE A 747 8.48 -14.04 -30.82
C PHE A 747 9.61 -13.02 -30.91
N GLN A 748 9.40 -11.97 -31.69
CA GLN A 748 10.44 -10.95 -31.81
C GLN A 748 10.49 -10.10 -30.55
N ILE A 749 11.64 -10.13 -29.86
CA ILE A 749 11.82 -9.29 -28.68
C ILE A 749 12.11 -7.88 -29.14
N TYR A 750 11.29 -6.93 -28.69
CA TYR A 750 11.47 -5.55 -29.09
C TYR A 750 10.68 -4.65 -28.15
N ASN A 751 11.33 -3.60 -27.64
CA ASN A 751 10.61 -2.53 -26.99
C ASN A 751 9.97 -1.64 -28.05
N LYS A 752 9.25 -0.60 -27.61
CA LYS A 752 8.67 0.32 -28.57
C LYS A 752 9.74 0.98 -29.43
N ASP A 753 10.83 1.41 -28.80
CA ASP A 753 11.97 1.99 -29.50
C ASP A 753 13.07 0.94 -29.71
N PHE A 754 12.73 -0.07 -30.51
CA PHE A 754 13.65 -1.15 -30.81
C PHE A 754 13.65 -1.46 -32.31
N LYS A 761 15.13 7.27 -28.48
CA LYS A 761 15.12 7.01 -27.05
C LYS A 761 15.73 5.65 -26.73
N PRO A 762 17.01 5.62 -26.39
CA PRO A 762 17.63 4.37 -25.91
C PRO A 762 17.30 4.14 -24.44
N ASN A 763 16.47 3.13 -24.19
CA ASN A 763 16.14 2.78 -22.82
C ASN A 763 17.34 2.14 -22.13
N LEU A 764 17.35 2.21 -20.79
CA LEU A 764 18.36 1.48 -20.05
C LEU A 764 18.17 -0.03 -20.18
N HIS A 765 16.91 -0.49 -20.18
CA HIS A 765 16.63 -1.91 -20.35
C HIS A 765 17.12 -2.40 -21.72
N THR A 766 17.05 -1.55 -22.74
CA THR A 766 17.65 -1.90 -24.03
C THR A 766 19.17 -1.86 -23.93
N LEU A 767 19.71 -0.90 -23.18
CA LEU A 767 21.16 -0.84 -22.98
C LEU A 767 21.67 -2.05 -22.21
N TYR A 768 20.93 -2.48 -21.19
CA TYR A 768 21.32 -3.68 -20.45
C TYR A 768 21.21 -4.91 -21.32
N TRP A 769 20.12 -5.03 -22.09
CA TRP A 769 19.93 -6.21 -22.93
C TRP A 769 21.02 -6.34 -23.99
N LYS A 770 21.38 -5.22 -24.63
CA LYS A 770 22.42 -5.28 -25.64
C LYS A 770 23.80 -5.49 -25.02
N ALA A 771 23.95 -5.25 -23.72
CA ALA A 771 25.20 -5.50 -23.03
C ALA A 771 25.33 -6.92 -22.52
N LEU A 772 24.25 -7.71 -22.54
CA LEU A 772 24.32 -9.10 -22.13
C LEU A 772 25.18 -9.91 -23.11
N PHE A 773 25.15 -9.54 -24.39
CA PHE A 773 25.88 -10.25 -25.44
C PHE A 773 26.87 -9.31 -26.13
N ASP A 774 27.59 -8.53 -25.33
CA ASP A 774 28.56 -7.58 -25.85
C ASP A 774 29.96 -8.15 -25.72
N GLU A 775 30.77 -7.97 -26.78
CA GLU A 775 32.11 -8.50 -26.77
C GLU A 775 32.96 -7.89 -25.68
N GLU A 776 32.83 -6.58 -25.46
CA GLU A 776 33.52 -5.92 -24.36
C GLU A 776 33.01 -6.36 -23.00
N ASN A 777 31.86 -7.04 -22.94
CA ASN A 777 31.28 -7.51 -21.69
C ASN A 777 31.57 -8.98 -21.41
N LEU A 778 31.74 -9.80 -22.45
CA LEU A 778 31.92 -11.23 -22.26
C LEU A 778 33.35 -11.62 -21.92
N LYS A 779 34.31 -10.69 -22.02
CA LYS A 779 35.67 -10.98 -21.57
C LYS A 779 35.75 -10.94 -20.04
N ASP A 780 35.05 -10.00 -19.42
CA ASP A 780 34.91 -9.92 -17.97
C ASP A 780 33.44 -9.65 -17.68
N VAL A 781 32.72 -10.70 -17.30
CA VAL A 781 31.26 -10.61 -17.21
C VAL A 781 30.86 -9.60 -16.15
N VAL A 782 29.96 -8.69 -16.53
CA VAL A 782 29.39 -7.72 -15.61
C VAL A 782 27.87 -7.88 -15.62
N TYR A 783 27.35 -8.37 -16.75
CA TYR A 783 25.92 -8.67 -16.89
C TYR A 783 25.77 -10.14 -17.21
N LYS A 784 24.95 -10.84 -16.43
CA LYS A 784 24.74 -12.27 -16.58
C LYS A 784 23.27 -12.54 -16.83
N LEU A 785 22.99 -13.40 -17.80
CA LEU A 785 21.65 -13.92 -18.02
C LEU A 785 21.40 -15.05 -17.03
N ASN A 786 20.38 -14.88 -16.17
CA ASN A 786 20.18 -15.84 -15.10
C ASN A 786 19.86 -17.23 -15.64
N GLY A 787 19.01 -17.30 -16.67
CA GLY A 787 18.66 -18.59 -17.25
C GLY A 787 17.17 -18.81 -17.30
N GLU A 788 16.44 -18.20 -16.37
CA GLU A 788 14.99 -18.29 -16.33
C GLU A 788 14.37 -17.03 -16.90
N ALA A 789 13.11 -17.16 -17.33
CA ALA A 789 12.38 -16.05 -17.91
C ALA A 789 10.90 -16.39 -17.88
N GLU A 790 10.07 -15.35 -17.94
CA GLU A 790 8.62 -15.49 -17.95
C GLU A 790 8.03 -14.69 -19.09
N VAL A 791 7.08 -15.29 -19.80
CA VAL A 791 6.35 -14.63 -20.87
C VAL A 791 4.89 -14.47 -20.44
N PHE A 792 4.40 -13.23 -20.50
CA PHE A 792 3.06 -12.89 -20.07
C PHE A 792 2.21 -12.55 -21.27
N TYR A 793 0.98 -13.07 -21.31
CA TYR A 793 0.07 -12.78 -22.40
C TYR A 793 -1.33 -12.53 -21.83
N ARG A 794 -2.28 -12.30 -22.72
CA ARG A 794 -3.60 -11.79 -22.38
C ARG A 794 -4.70 -12.70 -22.95
N LYS A 795 -4.54 -14.01 -22.70
CA LYS A 795 -5.52 -14.98 -23.16
C LYS A 795 -6.93 -14.63 -22.71
N ALA A 796 -7.86 -14.62 -23.65
CA ALA A 796 -9.25 -14.29 -23.37
C ALA A 796 -10.12 -15.54 -23.37
N TYR A 834 -10.47 -17.74 -28.54
CA TYR A 834 -9.12 -18.27 -28.37
C TYR A 834 -8.11 -17.43 -29.14
N THR A 835 -8.01 -16.14 -28.78
CA THR A 835 -7.10 -15.21 -29.42
C THR A 835 -6.28 -14.50 -28.36
N VAL A 836 -5.02 -14.21 -28.69
CA VAL A 836 -4.09 -13.55 -27.79
C VAL A 836 -3.59 -12.28 -28.47
N ASP A 837 -3.60 -11.16 -27.74
CA ASP A 837 -3.24 -9.87 -28.30
C ASP A 837 -1.97 -9.29 -27.72
N LYS A 838 -1.86 -9.20 -26.39
CA LYS A 838 -0.72 -8.58 -25.74
C LYS A 838 0.26 -9.66 -25.27
N PHE A 839 1.54 -9.42 -25.49
CA PHE A 839 2.60 -10.32 -25.06
C PHE A 839 3.63 -9.53 -24.27
N GLN A 840 4.19 -10.17 -23.24
CA GLN A 840 5.21 -9.55 -22.40
C GLN A 840 6.29 -10.57 -22.09
N PHE A 841 7.47 -10.05 -21.77
CA PHE A 841 8.66 -10.88 -21.55
C PHE A 841 9.41 -10.33 -20.35
N HIS A 842 9.60 -11.16 -19.32
CA HIS A 842 10.28 -10.75 -18.09
C HIS A 842 11.57 -11.55 -17.98
N VAL A 843 12.69 -10.87 -18.13
CA VAL A 843 14.02 -11.49 -18.09
C VAL A 843 14.75 -10.98 -16.84
N PRO A 844 14.99 -11.81 -15.84
CA PRO A 844 15.82 -11.40 -14.69
C PRO A 844 17.29 -11.57 -15.01
N ILE A 845 18.05 -10.48 -14.95
CA ILE A 845 19.47 -10.50 -15.19
C ILE A 845 20.19 -10.13 -13.90
N THR A 846 21.49 -10.43 -13.86
CA THR A 846 22.34 -10.11 -12.72
C THR A 846 23.39 -9.10 -13.16
N MET A 847 23.36 -7.92 -12.58
CA MET A 847 24.31 -6.86 -12.89
C MET A 847 25.45 -6.87 -11.88
N ASN A 848 26.65 -6.57 -12.36
CA ASN A 848 27.88 -6.69 -11.58
C ASN A 848 28.04 -8.12 -11.05
N PHE A 849 28.09 -9.06 -11.99
CA PHE A 849 28.15 -10.47 -11.64
C PHE A 849 29.47 -10.83 -10.96
N LYS A 850 30.58 -10.35 -11.50
CA LYS A 850 31.90 -10.61 -10.92
C LYS A 850 32.31 -9.49 -9.96
N ALA A 851 31.48 -9.28 -8.96
CA ALA A 851 31.66 -8.19 -8.00
C ALA A 851 31.95 -8.76 -6.62
N GLU A 852 32.93 -8.16 -5.95
CA GLU A 852 33.26 -8.55 -4.58
C GLU A 852 32.08 -8.23 -3.66
N GLY A 853 31.93 -9.05 -2.62
CA GLY A 853 30.82 -8.87 -1.69
C GLY A 853 31.02 -7.74 -0.72
N ASN A 854 31.35 -6.55 -1.22
CA ASN A 854 31.58 -5.38 -0.37
C ASN A 854 30.30 -4.58 -0.16
N SER A 855 29.25 -5.25 0.29
CA SER A 855 28.01 -4.55 0.62
C SER A 855 28.20 -3.72 1.90
N ASN A 856 27.22 -2.85 2.16
CA ASN A 856 27.27 -1.95 3.31
C ASN A 856 28.53 -1.07 3.24
N ILE A 857 28.58 -0.24 2.20
CA ILE A 857 29.76 0.54 1.88
C ILE A 857 29.94 1.70 2.85
N ASN A 858 29.03 1.82 3.83
CA ASN A 858 29.10 2.91 4.79
C ASN A 858 30.45 2.95 5.50
N ASP A 859 31.07 1.80 5.73
CA ASP A 859 32.37 1.79 6.40
C ASP A 859 33.49 2.33 5.52
N GLU A 860 33.25 2.44 4.22
CA GLU A 860 34.25 2.99 3.29
C GLU A 860 33.91 4.37 2.79
N VAL A 861 32.62 4.72 2.73
CA VAL A 861 32.25 6.09 2.37
C VAL A 861 32.73 7.08 3.43
N ASN A 862 32.55 6.72 4.70
CA ASN A 862 32.97 7.60 5.79
C ASN A 862 34.48 7.81 5.77
N GLU A 863 35.24 6.82 5.31
CA GLU A 863 36.70 6.99 5.22
C GLU A 863 37.04 8.13 4.25
N PHE A 864 36.45 8.12 3.07
CA PHE A 864 36.72 9.20 2.12
C PHE A 864 36.17 10.53 2.64
N LEU A 865 34.97 10.53 3.22
CA LEU A 865 34.40 11.76 3.72
C LEU A 865 35.29 12.38 4.81
N LYS A 866 35.93 11.54 5.62
CA LYS A 866 36.94 12.04 6.55
C LYS A 866 38.18 12.53 5.80
N GLY A 867 38.55 11.85 4.73
CA GLY A 867 39.74 12.18 3.98
C GLY A 867 39.70 13.51 3.24
N ASN A 868 38.76 13.66 2.32
CA ASN A 868 38.75 14.78 1.37
C ASN A 868 37.42 15.53 1.43
N ALA A 869 36.98 15.83 2.65
CA ALA A 869 35.76 16.61 2.83
C ALA A 869 35.77 17.98 2.17
N PRO A 870 36.84 18.80 2.25
CA PRO A 870 36.75 20.20 1.77
C PRO A 870 36.29 20.38 0.33
N ASP A 871 36.23 19.30 -0.44
CA ASP A 871 35.77 19.36 -1.82
C ASP A 871 34.36 18.81 -2.00
N VAL A 872 33.71 18.38 -0.91
CA VAL A 872 32.40 17.73 -0.99
C VAL A 872 31.31 18.77 -0.85
N ASN A 873 30.34 18.73 -1.75
CA ASN A 873 29.12 19.52 -1.64
C ASN A 873 28.00 18.65 -1.08
N ILE A 874 26.87 19.29 -0.75
CA ILE A 874 25.74 18.63 -0.12
C ILE A 874 24.46 18.97 -0.86
N ILE A 875 23.62 17.96 -1.08
CA ILE A 875 22.32 18.13 -1.71
C ILE A 875 21.25 17.90 -0.66
N GLY A 876 20.34 18.86 -0.52
CA GLY A 876 19.26 18.72 0.45
C GLY A 876 17.90 18.69 -0.22
N ILE A 877 17.05 17.75 0.18
CA ILE A 877 15.73 17.58 -0.39
C ILE A 877 14.70 17.79 0.72
N ASP A 878 13.72 18.66 0.46
CA ASP A 878 12.69 18.95 1.44
C ASP A 878 11.31 18.81 0.78
N ARG A 879 10.32 18.45 1.59
CA ARG A 879 8.93 18.41 1.14
C ARG A 879 8.34 19.81 1.34
N GLY A 880 8.18 20.54 0.25
CA GLY A 880 7.71 21.90 0.34
C GLY A 880 6.22 22.02 0.60
N GLU A 881 5.80 23.26 0.83
CA GLU A 881 4.39 23.56 0.99
C GLU A 881 3.72 23.92 -0.34
N ARG A 882 4.47 24.52 -1.27
CA ARG A 882 3.96 24.81 -2.60
C ARG A 882 4.45 23.78 -3.61
N HIS A 883 5.76 23.58 -3.71
CA HIS A 883 6.31 22.53 -4.55
C HIS A 883 6.35 21.21 -3.80
N LEU A 884 6.24 20.11 -4.54
CA LEU A 884 6.29 18.79 -3.91
C LEU A 884 7.63 18.57 -3.23
N LEU A 885 8.71 18.56 -4.00
CA LEU A 885 10.06 18.38 -3.48
C LEU A 885 10.95 19.51 -3.96
N TYR A 886 11.79 20.02 -3.07
CA TYR A 886 12.70 21.10 -3.38
C TYR A 886 14.14 20.69 -3.06
N LEU A 887 15.03 21.01 -3.99
CA LEU A 887 16.45 20.71 -3.89
C LEU A 887 17.24 21.98 -3.66
N THR A 888 18.41 21.84 -3.03
CA THR A 888 19.31 22.97 -2.85
C THR A 888 20.73 22.41 -2.65
N LEU A 889 21.57 22.57 -3.66
CA LEU A 889 22.95 22.08 -3.61
C LEU A 889 23.82 23.18 -3.02
N ILE A 890 24.20 23.01 -1.76
CA ILE A 890 25.01 24.00 -1.06
C ILE A 890 26.46 23.57 -1.08
N ASP A 891 27.36 24.55 -1.00
CA ASP A 891 28.78 24.28 -0.95
C ASP A 891 29.17 23.90 0.48
N GLN A 892 30.47 23.81 0.74
CA GLN A 892 30.93 23.53 2.09
C GLN A 892 30.92 24.76 2.99
N LYS A 893 30.77 25.96 2.41
CA LYS A 893 30.76 27.19 3.18
C LYS A 893 29.36 27.78 3.33
N GLY A 894 28.32 27.01 3.04
CA GLY A 894 26.96 27.48 3.20
C GLY A 894 26.39 28.26 2.04
N LYS A 895 27.11 28.37 0.93
CA LYS A 895 26.65 29.12 -0.22
C LYS A 895 25.92 28.20 -1.19
N ILE A 896 24.69 28.58 -1.56
CA ILE A 896 23.92 27.79 -2.51
C ILE A 896 24.55 27.88 -3.89
N VAL A 897 24.58 26.75 -4.59
CA VAL A 897 25.14 26.68 -5.93
C VAL A 897 24.05 26.61 -7.00
N GLU A 898 23.02 25.79 -6.78
CA GLU A 898 21.97 25.62 -7.77
C GLU A 898 20.71 25.09 -7.10
N GLN A 899 19.62 25.83 -7.22
CA GLN A 899 18.32 25.43 -6.70
C GLN A 899 17.39 25.12 -7.87
N ASP A 900 16.67 24.00 -7.77
CA ASP A 900 15.95 23.44 -8.90
C ASP A 900 14.59 22.94 -8.42
N SER A 901 13.93 22.15 -9.29
CA SER A 901 12.63 21.55 -9.07
C SER A 901 11.50 22.57 -9.15
N LEU A 902 10.41 22.20 -9.80
CA LEU A 902 9.29 23.11 -10.01
C LEU A 902 7.98 22.45 -9.61
N LYS A 939 0.28 7.05 -10.92
CA LYS A 939 1.17 6.17 -11.68
C LYS A 939 1.73 6.89 -12.91
N GLU A 940 1.03 7.94 -13.34
CA GLU A 940 1.47 8.74 -14.48
C GLU A 940 1.82 10.17 -14.10
N LEU A 941 1.23 10.71 -13.03
CA LEU A 941 1.55 12.06 -12.57
C LEU A 941 2.61 12.03 -11.48
N LYS A 942 2.33 11.32 -10.38
CA LYS A 942 3.29 11.26 -9.28
C LYS A 942 4.52 10.43 -9.65
N GLU A 943 4.30 9.26 -10.28
CA GLU A 943 5.42 8.41 -10.67
C GLU A 943 6.26 9.08 -11.75
N GLY A 944 5.61 9.77 -12.69
CA GLY A 944 6.36 10.48 -13.71
C GLY A 944 7.22 11.59 -13.15
N TYR A 945 6.72 12.29 -12.14
CA TYR A 945 7.50 13.34 -11.49
C TYR A 945 8.65 12.75 -10.68
N LEU A 946 8.36 11.72 -9.87
CA LEU A 946 9.39 11.11 -9.05
C LEU A 946 10.45 10.41 -9.87
N SER A 947 10.15 10.04 -11.11
CA SER A 947 11.17 9.50 -12.01
C SER A 947 11.97 10.57 -12.71
N GLN A 948 11.57 11.84 -12.57
CA GLN A 948 12.30 12.97 -13.13
C GLN A 948 13.12 13.71 -12.09
N VAL A 949 12.61 13.83 -10.86
CA VAL A 949 13.41 14.44 -9.80
C VAL A 949 14.54 13.51 -9.39
N VAL A 950 14.33 12.19 -9.47
CA VAL A 950 15.39 11.25 -9.12
C VAL A 950 16.52 11.32 -10.14
N HIS A 951 16.18 11.52 -11.42
CA HIS A 951 17.21 11.65 -12.44
C HIS A 951 18.04 12.92 -12.24
N LYS A 952 17.43 13.99 -11.72
CA LYS A 952 18.18 15.21 -11.48
C LYS A 952 19.07 15.09 -10.24
N ILE A 953 18.59 14.39 -9.21
CA ILE A 953 19.41 14.17 -8.02
C ILE A 953 20.61 13.30 -8.37
N ALA A 954 20.40 12.24 -9.15
CA ALA A 954 21.48 11.36 -9.56
C ALA A 954 22.42 11.99 -10.58
N LYS A 955 22.02 13.11 -11.19
CA LYS A 955 22.89 13.83 -12.10
C LYS A 955 23.72 14.89 -11.38
N LEU A 956 23.13 15.60 -10.43
CA LEU A 956 23.87 16.58 -9.64
C LEU A 956 24.93 15.91 -8.77
N MET A 957 24.73 14.63 -8.43
CA MET A 957 25.69 13.92 -7.59
C MET A 957 27.05 13.82 -8.28
N VAL A 958 27.10 13.14 -9.42
CA VAL A 958 28.38 12.93 -10.10
C VAL A 958 28.90 14.22 -10.70
N GLU A 959 28.01 15.13 -11.11
CA GLU A 959 28.45 16.34 -11.78
C GLU A 959 29.08 17.33 -10.80
N HIS A 960 28.46 17.51 -9.64
CA HIS A 960 28.89 18.52 -8.68
C HIS A 960 29.63 17.94 -7.49
N ASN A 961 29.98 16.65 -7.52
CA ASN A 961 30.77 16.01 -6.48
C ASN A 961 30.11 16.14 -5.12
N ALA A 962 28.80 15.93 -5.07
CA ALA A 962 28.00 16.21 -3.88
C ALA A 962 27.49 14.93 -3.25
N ILE A 963 26.80 15.09 -2.12
CA ILE A 963 26.14 14.00 -1.41
C ILE A 963 24.70 14.43 -1.13
N VAL A 964 23.84 13.45 -0.86
CA VAL A 964 22.42 13.68 -0.69
C VAL A 964 22.06 13.50 0.78
N VAL A 965 21.30 14.46 1.31
CA VAL A 965 20.84 14.43 2.70
C VAL A 965 19.32 14.51 2.66
N MET A 966 18.67 13.36 2.87
CA MET A 966 17.22 13.27 2.81
C MET A 966 16.61 13.49 4.19
N GLU A 967 15.32 13.20 4.34
CA GLU A 967 14.61 13.34 5.59
C GLU A 967 14.10 11.98 6.05
N ASP A 968 14.17 11.73 7.35
CA ASP A 968 13.68 10.50 7.95
C ASP A 968 12.27 10.73 8.48
N LEU A 969 11.31 9.97 7.94
CA LEU A 969 9.91 10.20 8.30
C LEU A 969 9.60 9.73 9.71
N ASN A 970 10.07 8.53 10.07
CA ASN A 970 9.68 7.88 11.31
C ASN A 970 10.54 8.29 12.50
N PHE A 971 11.28 9.40 12.40
CA PHE A 971 12.15 9.83 13.49
C PHE A 971 11.97 11.31 13.79
N GLY A 972 10.80 11.87 13.51
CA GLY A 972 10.59 13.28 13.79
C GLY A 972 9.19 13.71 13.44
N PHE A 973 8.98 15.03 13.47
CA PHE A 973 7.68 15.63 13.21
C PHE A 973 7.85 16.82 12.28
N LYS A 974 6.98 16.91 11.29
CA LYS A 974 7.00 17.99 10.30
C LYS A 974 5.82 18.92 10.59
N ARG A 975 6.10 20.07 11.20
CA ARG A 975 5.05 21.01 11.61
C ARG A 975 4.74 21.94 10.44
N GLY A 976 3.92 21.45 9.53
CA GLY A 976 3.53 22.24 8.38
C GLY A 976 2.69 21.42 7.42
N ARG A 977 2.29 22.09 6.35
CA ARG A 977 1.49 21.46 5.30
C ARG A 977 2.39 21.00 4.16
N PHE A 978 3.19 19.98 4.44
CA PHE A 978 4.02 19.40 3.39
C PHE A 978 3.12 18.75 2.33
N LYS A 979 3.45 19.01 1.07
CA LYS A 979 2.59 18.64 -0.04
C LYS A 979 2.72 17.17 -0.45
N VAL A 980 3.75 16.47 0.02
CA VAL A 980 4.01 15.09 -0.37
C VAL A 980 3.39 14.17 0.67
N GLU A 981 2.53 13.27 0.21
CA GLU A 981 1.93 12.29 1.11
C GLU A 981 2.97 11.29 1.60
N LYS A 982 2.65 10.61 2.68
CA LYS A 982 3.57 9.62 3.24
C LYS A 982 3.82 8.48 2.26
N GLN A 983 2.78 8.04 1.57
CA GLN A 983 2.92 6.94 0.61
C GLN A 983 3.60 7.35 -0.68
N VAL A 984 3.73 8.66 -0.94
CA VAL A 984 4.46 9.12 -2.11
C VAL A 984 5.93 9.36 -1.80
N TYR A 985 6.23 9.87 -0.60
CA TYR A 985 7.62 10.06 -0.20
C TYR A 985 8.30 8.73 0.07
N GLN A 986 7.59 7.78 0.67
CA GLN A 986 8.16 6.47 0.93
C GLN A 986 8.42 5.68 -0.34
N LYS A 987 7.87 6.11 -1.48
CA LYS A 987 8.20 5.49 -2.76
C LYS A 987 9.21 6.29 -3.56
N PHE A 988 9.33 7.60 -3.30
CA PHE A 988 10.43 8.36 -3.89
C PHE A 988 11.76 7.97 -3.25
N GLU A 989 11.75 7.71 -1.93
CA GLU A 989 12.95 7.24 -1.26
C GLU A 989 13.38 5.90 -1.81
N LYS A 990 12.43 5.00 -2.07
CA LYS A 990 12.77 3.72 -2.69
C LYS A 990 13.30 3.90 -4.10
N MET A 991 12.70 4.81 -4.87
CA MET A 991 13.13 5.03 -6.25
C MET A 991 14.41 5.85 -6.34
N LEU A 992 14.84 6.48 -5.25
CA LEU A 992 16.13 7.17 -5.24
C LEU A 992 17.28 6.23 -4.92
N ILE A 993 17.09 5.35 -3.94
CA ILE A 993 18.15 4.38 -3.61
C ILE A 993 18.32 3.38 -4.73
N ASP A 994 17.23 2.97 -5.37
CA ASP A 994 17.33 2.03 -6.49
C ASP A 994 18.08 2.64 -7.67
N LYS A 995 17.90 3.95 -7.91
CA LYS A 995 18.64 4.59 -8.98
C LYS A 995 20.11 4.75 -8.63
N LEU A 996 20.42 5.00 -7.37
CA LEU A 996 21.81 5.13 -6.95
C LEU A 996 22.48 3.79 -6.67
N ASN A 997 21.71 2.70 -6.60
CA ASN A 997 22.31 1.38 -6.44
C ASN A 997 23.17 1.03 -7.64
N TYR A 998 22.68 1.31 -8.85
CA TYR A 998 23.42 1.05 -10.09
C TYR A 998 23.20 2.26 -10.99
N LEU A 999 24.11 3.23 -10.90
CA LEU A 999 23.99 4.48 -11.64
C LEU A 999 24.93 4.42 -12.83
N VAL A 1000 24.37 4.45 -14.03
CA VAL A 1000 25.13 4.32 -15.27
C VAL A 1000 24.71 5.42 -16.23
N ASP A 1001 25.70 5.96 -16.95
CA ASP A 1001 25.47 7.00 -17.95
C ASP A 1001 25.74 6.43 -19.33
N LYS A 1002 24.78 6.61 -20.24
CA LYS A 1002 24.92 6.07 -21.59
C LYS A 1002 26.07 6.74 -22.34
N ASP A 1003 26.20 8.05 -22.18
CA ASP A 1003 27.18 8.80 -22.98
C ASP A 1003 28.62 8.49 -22.57
N LYS A 1004 28.83 8.07 -21.33
CA LYS A 1004 30.18 7.76 -20.87
C LYS A 1004 30.72 6.53 -21.58
N GLU A 1005 32.04 6.43 -21.62
CA GLU A 1005 32.69 5.27 -22.23
C GLU A 1005 32.36 4.01 -21.43
N PRO A 1006 32.21 2.86 -22.09
CA PRO A 1006 31.79 1.66 -21.35
C PRO A 1006 32.70 1.31 -20.19
N ASN A 1007 34.01 1.48 -20.33
CA ASN A 1007 34.95 1.15 -19.27
C ASN A 1007 35.24 2.31 -18.35
N GLU A 1008 34.68 3.49 -18.62
CA GLU A 1008 34.88 4.63 -17.75
C GLU A 1008 34.23 4.37 -16.38
N PRO A 1009 34.77 4.97 -15.31
CA PRO A 1009 34.24 4.70 -13.96
C PRO A 1009 32.75 4.94 -13.79
N GLY A 1010 32.09 5.53 -14.78
CA GLY A 1010 30.66 5.73 -14.72
C GLY A 1010 29.92 5.17 -15.90
N GLY A 1011 30.62 4.36 -16.72
CA GLY A 1011 30.05 3.83 -17.94
C GLY A 1011 29.26 2.56 -17.71
N LEU A 1012 28.98 1.87 -18.82
CA LEU A 1012 28.16 0.66 -18.76
C LEU A 1012 28.85 -0.43 -17.96
N LEU A 1013 30.12 -0.71 -18.26
CA LEU A 1013 30.82 -1.81 -17.61
C LEU A 1013 31.35 -1.45 -16.23
N ASN A 1014 31.39 -0.17 -15.88
CA ASN A 1014 31.81 0.30 -14.56
C ASN A 1014 30.79 1.33 -14.10
N ALA A 1015 29.76 0.86 -13.40
CA ALA A 1015 28.66 1.72 -12.97
C ALA A 1015 28.83 2.09 -11.50
N TYR A 1016 28.50 3.34 -11.20
CA TYR A 1016 28.57 3.82 -9.82
C TYR A 1016 27.61 3.04 -8.94
N GLN A 1017 28.09 2.65 -7.77
CA GLN A 1017 27.26 2.03 -6.73
C GLN A 1017 27.43 2.89 -5.48
N LEU A 1018 26.54 3.86 -5.31
CA LEU A 1018 26.71 4.90 -4.30
C LEU A 1018 25.94 4.64 -3.01
N THR A 1019 24.93 3.78 -3.04
CA THR A 1019 24.15 3.47 -1.84
C THR A 1019 24.03 1.96 -1.68
N ASN A 1020 23.87 1.52 -0.45
CA ASN A 1020 23.64 0.12 -0.16
C ASN A 1020 22.23 -0.27 -0.62
N LYS A 1021 21.91 -1.55 -0.48
CA LYS A 1021 20.60 -2.04 -0.85
C LYS A 1021 19.54 -1.46 0.07
N PHE A 1022 18.30 -1.46 -0.40
CA PHE A 1022 17.18 -0.91 0.37
C PHE A 1022 16.87 -1.86 1.52
N GLU A 1023 17.33 -1.50 2.72
CA GLU A 1023 17.06 -2.26 3.92
C GLU A 1023 15.90 -1.64 4.69
N SER A 1024 15.17 -2.49 5.41
CA SER A 1024 14.05 -2.04 6.23
C SER A 1024 14.48 -1.61 7.63
N PHE A 1025 15.78 -1.41 7.85
CA PHE A 1025 16.28 -1.00 9.15
C PHE A 1025 15.74 0.39 9.51
N GLN A 1026 15.40 0.57 10.79
CA GLN A 1026 14.91 1.84 11.31
C GLN A 1026 15.82 2.24 12.47
N LYS A 1027 16.90 2.94 12.17
CA LYS A 1027 17.89 3.36 13.15
C LYS A 1027 17.96 4.88 13.19
N MET A 1028 18.93 5.40 13.93
CA MET A 1028 19.06 6.84 14.09
C MET A 1028 19.58 7.51 12.83
N GLY A 1029 20.77 7.12 12.36
CA GLY A 1029 21.37 7.73 11.20
C GLY A 1029 20.93 7.12 9.90
N LYS A 1030 21.03 5.79 9.80
CA LYS A 1030 20.63 5.04 8.61
C LYS A 1030 21.33 5.56 7.36
N GLN A 1031 22.61 5.89 7.50
CA GLN A 1031 23.40 6.34 6.36
C GLN A 1031 23.46 5.24 5.30
N SER A 1032 22.87 5.51 4.14
CA SER A 1032 22.86 4.56 3.03
C SER A 1032 23.89 5.03 2.01
N GLY A 1033 25.14 4.61 2.20
CA GLY A 1033 26.22 5.01 1.33
C GLY A 1033 26.45 6.51 1.38
N PHE A 1034 26.14 7.20 0.28
CA PHE A 1034 26.26 8.64 0.20
C PHE A 1034 24.95 9.36 0.49
N LEU A 1035 23.89 8.62 0.83
CA LEU A 1035 22.57 9.19 1.10
C LEU A 1035 22.35 9.17 2.60
N PHE A 1036 22.40 10.34 3.23
CA PHE A 1036 22.19 10.46 4.67
C PHE A 1036 20.74 10.77 4.96
N TYR A 1037 20.34 10.48 6.20
CA TYR A 1037 19.00 10.77 6.69
C TYR A 1037 19.09 11.65 7.92
N VAL A 1038 18.15 12.59 8.04
CA VAL A 1038 18.03 13.44 9.21
C VAL A 1038 16.59 13.38 9.70
N PRO A 1039 16.33 13.56 10.99
CA PRO A 1039 14.94 13.54 11.47
C PRO A 1039 14.09 14.61 10.80
N ALA A 1040 12.84 14.26 10.53
CA ALA A 1040 11.93 15.20 9.88
C ALA A 1040 11.66 16.41 10.77
N TRP A 1041 11.68 17.58 10.16
CA TRP A 1041 11.47 18.83 10.89
C TRP A 1041 11.02 19.89 9.91
N ASN A 1042 10.32 20.90 10.44
CA ASN A 1042 9.89 22.05 9.64
C ASN A 1042 11.01 23.07 9.67
N THR A 1043 11.97 22.92 8.76
CA THR A 1043 13.14 23.77 8.72
C THR A 1043 12.90 25.08 7.97
N SER A 1044 11.73 25.26 7.37
CA SER A 1044 11.48 26.45 6.56
C SER A 1044 11.44 27.72 7.38
N LYS A 1045 11.24 27.62 8.70
CA LYS A 1045 11.04 28.80 9.54
C LYS A 1045 12.33 29.29 10.19
N ILE A 1046 13.49 28.93 9.65
CA ILE A 1046 14.77 29.35 10.18
C ILE A 1046 15.35 30.44 9.30
N ASP A 1047 16.14 31.32 9.90
CA ASP A 1047 16.76 32.42 9.18
C ASP A 1047 18.11 31.97 8.67
N PRO A 1048 18.32 31.89 7.35
CA PRO A 1048 19.61 31.39 6.84
C PRO A 1048 20.80 32.24 7.23
N THR A 1049 20.63 33.54 7.37
CA THR A 1049 21.78 34.41 7.63
C THR A 1049 22.28 34.25 9.06
N THR A 1050 21.38 34.05 10.03
CA THR A 1050 21.81 34.01 11.42
C THR A 1050 21.15 32.91 12.25
N GLY A 1051 20.34 32.04 11.66
CA GLY A 1051 19.83 30.90 12.40
C GLY A 1051 18.75 31.20 13.41
N PHE A 1052 18.14 32.39 13.37
CA PHE A 1052 17.09 32.72 14.31
C PHE A 1052 15.86 31.87 14.07
N VAL A 1053 15.27 31.36 15.15
CA VAL A 1053 14.04 30.58 15.10
C VAL A 1053 13.05 31.17 16.10
N ASN A 1054 11.77 31.07 15.78
CA ASN A 1054 10.71 31.58 16.66
C ASN A 1054 10.31 30.47 17.63
N LEU A 1055 10.81 30.55 18.85
CA LEU A 1055 10.47 29.59 19.90
C LEU A 1055 9.64 30.23 21.01
N PHE A 1056 9.08 31.41 20.77
CA PHE A 1056 8.35 32.12 21.82
C PHE A 1056 7.05 31.40 22.18
N HIS A 1057 6.27 31.02 21.16
CA HIS A 1057 4.96 30.40 21.34
C HIS A 1057 4.03 31.28 22.17
N PRO A 1058 3.68 32.49 21.70
CA PRO A 1058 2.75 33.32 22.46
C PRO A 1058 1.30 33.11 22.00
N ARG A 1059 0.39 33.12 22.98
CA ARG A 1059 -1.02 32.94 22.70
C ARG A 1059 -1.84 33.73 23.71
N TYR A 1060 -3.08 34.02 23.35
CA TYR A 1060 -3.98 34.77 24.21
C TYR A 1060 -4.51 33.85 25.31
N GLU A 1061 -4.31 34.26 26.56
CA GLU A 1061 -4.79 33.51 27.72
C GLU A 1061 -5.25 34.53 28.76
N ASN A 1062 -5.43 34.06 29.99
CA ASN A 1062 -5.80 34.94 31.09
C ASN A 1062 -4.81 36.09 31.20
N VAL A 1063 -5.31 37.24 31.67
CA VAL A 1063 -4.50 38.46 31.68
C VAL A 1063 -3.26 38.33 32.56
N GLU A 1064 -3.29 37.44 33.56
CA GLU A 1064 -2.10 37.24 34.40
C GLU A 1064 -0.95 36.67 33.60
N LYS A 1065 -1.24 35.66 32.77
CA LYS A 1065 -0.19 35.07 31.94
C LYS A 1065 0.34 36.07 30.92
N ALA A 1066 -0.53 36.89 30.34
CA ALA A 1066 -0.08 37.90 29.40
C ALA A 1066 0.78 38.95 30.10
N LYS A 1067 0.41 39.35 31.32
CA LYS A 1067 1.23 40.28 32.08
C LYS A 1067 2.60 39.70 32.39
N GLU A 1068 2.65 38.43 32.77
CA GLU A 1068 3.93 37.81 33.09
C GLU A 1068 4.78 37.59 31.85
N PHE A 1069 4.16 37.32 30.71
CA PHE A 1069 4.92 37.02 29.49
C PHE A 1069 5.76 38.21 29.04
N PHE A 1070 5.19 39.41 29.07
CA PHE A 1070 5.89 40.57 28.59
C PHE A 1070 6.87 41.15 29.61
N ASN A 1071 6.87 40.64 30.84
CA ASN A 1071 7.85 41.06 31.84
C ASN A 1071 9.19 40.38 31.63
N LYS A 1072 9.24 39.27 30.90
CA LYS A 1072 10.49 38.56 30.68
C LYS A 1072 11.38 39.23 29.64
N PHE A 1073 10.83 40.13 28.84
CA PHE A 1073 11.63 40.85 27.85
C PHE A 1073 12.55 41.85 28.54
N ASP A 1074 13.73 42.03 27.98
CA ASP A 1074 14.66 43.02 28.53
C ASP A 1074 14.26 44.44 28.15
N SER A 1075 13.79 44.65 26.92
CA SER A 1075 13.41 45.98 26.48
C SER A 1075 12.35 45.88 25.39
N ILE A 1076 11.48 46.89 25.33
CA ILE A 1076 10.42 46.98 24.34
C ILE A 1076 10.62 48.28 23.55
N ARG A 1077 11.87 48.66 23.35
CA ARG A 1077 12.19 50.01 22.90
C ARG A 1077 11.64 50.27 21.50
N TYR A 1078 11.72 51.53 21.08
CA TYR A 1078 11.24 51.95 19.76
C TYR A 1078 12.32 52.79 19.10
N ASN A 1079 13.07 52.17 18.17
CA ASN A 1079 14.10 52.88 17.41
C ASN A 1079 13.41 53.80 16.41
N SER A 1080 13.37 55.09 16.73
CA SER A 1080 12.75 56.08 15.84
C SER A 1080 13.63 56.40 14.64
N GLU A 1081 14.95 56.28 14.79
CA GLU A 1081 15.85 56.60 13.69
C GLU A 1081 15.58 55.69 12.49
N LYS A 1082 15.43 54.39 12.73
CA LYS A 1082 15.09 53.43 11.69
C LYS A 1082 13.61 53.06 11.70
N ASP A 1083 12.83 53.63 12.63
CA ASP A 1083 11.38 53.51 12.65
C ASP A 1083 10.93 52.05 12.75
N TYR A 1084 11.31 51.40 13.85
CA TYR A 1084 10.74 50.09 14.17
C TYR A 1084 10.93 49.80 15.64
N PHE A 1085 10.16 48.84 16.14
CA PHE A 1085 10.20 48.48 17.56
C PHE A 1085 11.18 47.34 17.78
N GLU A 1086 12.00 47.48 18.82
CA GLU A 1086 13.03 46.51 19.16
C GLU A 1086 12.64 45.82 20.46
N PHE A 1087 12.34 44.52 20.35
CA PHE A 1087 12.14 43.66 21.52
C PHE A 1087 13.48 42.99 21.83
N ALA A 1088 14.09 43.39 22.94
CA ALA A 1088 15.34 42.79 23.41
C ALA A 1088 15.01 41.80 24.51
N PHE A 1089 15.49 40.57 24.36
CA PHE A 1089 15.11 39.50 25.27
C PHE A 1089 16.27 38.52 25.36
N ASP A 1090 16.01 37.37 25.99
CA ASP A 1090 16.95 36.26 26.04
C ASP A 1090 16.11 35.01 26.19
N TYR A 1091 16.45 33.96 25.43
CA TYR A 1091 15.63 32.76 25.40
C TYR A 1091 15.66 31.96 26.68
N ASN A 1092 16.58 32.28 27.61
CA ASN A 1092 16.66 31.50 28.85
C ASN A 1092 15.38 31.65 29.67
N ASN A 1093 14.83 32.86 29.74
CA ASN A 1093 13.63 33.10 30.53
C ASN A 1093 12.37 32.53 29.88
N PHE A 1094 12.44 32.11 28.62
CA PHE A 1094 11.27 31.61 27.92
C PHE A 1094 11.27 30.10 27.71
N THR A 1095 12.45 29.49 27.64
CA THR A 1095 12.58 28.07 27.32
C THR A 1095 13.77 27.52 28.09
N GLU A 1096 14.23 26.32 27.71
CA GLU A 1096 15.37 25.66 28.32
C GLU A 1096 16.62 25.75 27.45
N LYS A 1097 16.81 26.88 26.78
CA LYS A 1097 17.89 27.04 25.81
C LYS A 1097 19.23 27.18 26.53
N ALA A 1098 20.28 27.45 25.75
CA ALA A 1098 21.65 27.48 26.25
C ALA A 1098 21.97 28.68 27.12
N GLU A 1099 21.03 29.62 27.27
CA GLU A 1099 21.14 30.82 28.11
C GLU A 1099 22.06 31.88 27.50
N GLY A 1100 22.72 31.59 26.38
CA GLY A 1100 23.58 32.55 25.73
C GLY A 1100 23.09 32.92 24.34
N THR A 1101 21.77 33.06 24.19
CA THR A 1101 21.18 33.32 22.88
C THR A 1101 20.41 34.64 22.87
N LYS A 1102 21.00 35.69 23.42
CA LYS A 1102 20.37 36.99 23.45
C LYS A 1102 20.13 37.52 22.04
N TRP A 1103 18.87 37.63 21.63
CA TRP A 1103 18.50 38.14 20.32
C TRP A 1103 17.97 39.56 20.44
N THR A 1104 17.54 40.12 19.31
CA THR A 1104 16.92 41.44 19.27
C THR A 1104 15.96 41.44 18.10
N VAL A 1105 14.67 41.27 18.38
CA VAL A 1105 13.67 41.17 17.32
C VAL A 1105 13.23 42.57 16.92
N CYS A 1106 13.33 42.89 15.64
CA CYS A 1106 12.96 44.19 15.12
C CYS A 1106 11.74 44.05 14.23
N THR A 1107 10.78 44.97 14.42
CA THR A 1107 9.53 44.96 13.66
C THR A 1107 9.77 45.68 12.34
N TYR A 1108 10.47 45.00 11.43
CA TYR A 1108 10.80 45.61 10.14
C TYR A 1108 9.55 45.95 9.35
N GLY A 1109 8.57 45.07 9.34
CA GLY A 1109 7.29 45.33 8.71
C GLY A 1109 7.10 44.54 7.43
N GLU A 1110 6.04 44.88 6.72
CA GLU A 1110 5.67 44.26 5.45
C GLU A 1110 5.49 42.74 5.61
N ARG A 1111 4.51 42.38 6.45
CA ARG A 1111 4.17 40.99 6.69
C ARG A 1111 2.75 40.73 6.22
N ILE A 1112 2.46 39.46 5.94
CA ILE A 1112 1.17 39.04 5.40
C ILE A 1112 0.41 38.28 6.48
N LYS A 1113 -0.82 38.72 6.75
CA LYS A 1113 -1.66 38.13 7.78
C LYS A 1113 -2.90 37.53 7.14
N THR A 1114 -3.25 36.32 7.55
CA THR A 1114 -4.41 35.60 7.07
C THR A 1114 -5.53 35.73 8.09
N TYR A 1115 -6.68 36.24 7.65
CA TYR A 1115 -7.78 36.49 8.59
C TYR A 1115 -8.29 35.21 9.23
N ARG A 1116 -8.92 34.35 8.43
CA ARG A 1116 -9.83 33.32 8.94
C ARG A 1116 -10.01 32.30 7.82
N ASN A 1117 -10.98 31.39 7.95
CA ASN A 1117 -11.03 30.21 7.09
C ASN A 1117 -12.21 30.15 6.12
N ALA A 1118 -13.40 30.62 6.50
CA ALA A 1118 -14.59 30.47 5.66
C ALA A 1118 -14.62 31.56 4.58
N ASP A 1119 -15.78 31.72 3.93
CA ASP A 1119 -15.86 32.56 2.75
C ASP A 1119 -15.90 34.05 3.07
N LYS A 1120 -16.97 34.50 3.76
CA LYS A 1120 -17.14 35.95 3.93
C LYS A 1120 -17.08 36.39 5.39
N ASN A 1121 -17.88 35.78 6.28
CA ASN A 1121 -17.79 36.13 7.69
C ASN A 1121 -16.43 35.76 8.26
N ASN A 1122 -15.97 34.56 7.96
CA ASN A 1122 -14.57 34.22 8.05
C ASN A 1122 -14.01 34.41 6.65
N GLN A 1123 -12.71 34.63 6.53
CA GLN A 1123 -12.15 34.86 5.20
C GLN A 1123 -10.69 34.41 5.13
N TRP A 1124 -10.39 33.62 4.10
CA TRP A 1124 -9.03 33.22 3.76
C TRP A 1124 -8.21 34.35 3.17
N ASP A 1125 -8.78 35.55 3.09
CA ASP A 1125 -8.07 36.68 2.52
C ASP A 1125 -6.81 36.99 3.30
N SER A 1126 -5.74 37.29 2.59
CA SER A 1126 -4.45 37.63 3.19
C SER A 1126 -4.15 39.08 2.88
N LYS A 1127 -3.85 39.86 3.92
CA LYS A 1127 -3.52 41.27 3.77
C LYS A 1127 -2.06 41.50 4.12
N GLU A 1128 -1.38 42.27 3.29
CA GLU A 1128 -0.06 42.79 3.64
C GLU A 1128 -0.21 43.84 4.72
N VAL A 1129 0.31 43.57 5.91
CA VAL A 1129 0.11 44.41 7.07
C VAL A 1129 1.45 45.02 7.46
N ASN A 1130 1.46 46.33 7.71
CA ASN A 1130 2.65 47.01 8.21
C ASN A 1130 2.69 46.86 9.72
N VAL A 1131 3.60 46.01 10.20
CA VAL A 1131 3.64 45.69 11.63
C VAL A 1131 3.98 46.92 12.46
N THR A 1132 4.95 47.71 12.02
CA THR A 1132 5.34 48.90 12.76
C THR A 1132 4.19 49.88 12.89
N GLU A 1133 3.46 50.13 11.80
CA GLU A 1133 2.35 51.06 11.85
C GLU A 1133 1.22 50.55 12.73
N GLU A 1134 0.95 49.24 12.69
CA GLU A 1134 -0.08 48.68 13.56
C GLU A 1134 0.32 48.79 15.02
N PHE A 1135 1.60 48.54 15.33
CA PHE A 1135 2.08 48.72 16.70
C PHE A 1135 1.91 50.17 17.15
N LYS A 1136 2.27 51.12 16.27
CA LYS A 1136 2.13 52.53 16.62
C LYS A 1136 0.67 52.90 16.86
N ASN A 1137 -0.22 52.41 16.00
CA ASN A 1137 -1.65 52.70 16.17
C ASN A 1137 -2.18 52.12 17.48
N LEU A 1138 -1.80 50.88 17.80
CA LEU A 1138 -2.25 50.27 19.05
C LEU A 1138 -1.72 51.02 20.26
N PHE A 1139 -0.45 51.43 20.23
CA PHE A 1139 0.11 52.14 21.37
C PHE A 1139 -0.50 53.53 21.52
N ASP A 1140 -0.80 54.19 20.40
CA ASP A 1140 -1.42 55.51 20.48
C ASP A 1140 -2.86 55.45 20.93
N GLU A 1141 -3.58 54.38 20.56
CA GLU A 1141 -4.98 54.25 20.93
C GLU A 1141 -5.15 54.12 22.43
N TYR A 1142 -4.27 53.38 23.10
CA TYR A 1142 -4.40 53.09 24.52
C TYR A 1142 -3.53 54.00 25.38
N ASN A 1143 -3.22 55.21 24.90
CA ASN A 1143 -2.50 56.23 25.65
C ASN A 1143 -1.13 55.72 26.13
N ILE A 1144 -0.29 55.39 25.17
CA ILE A 1144 1.08 54.97 25.42
C ILE A 1144 2.01 55.81 24.56
N ASP A 1145 3.05 56.37 25.17
CA ASP A 1145 3.98 57.25 24.48
C ASP A 1145 5.26 56.49 24.17
N TYR A 1146 5.74 56.63 22.93
CA TYR A 1146 6.96 55.96 22.49
C TYR A 1146 7.90 56.87 21.71
N LYS A 1147 7.47 58.07 21.31
CA LYS A 1147 8.30 58.94 20.49
C LYS A 1147 9.55 59.43 21.22
N ASN A 1148 9.55 59.36 22.56
CA ASN A 1148 10.72 59.78 23.32
C ASN A 1148 11.80 58.71 23.39
N GLY A 1149 11.54 57.51 22.86
CA GLY A 1149 12.51 56.45 22.88
C GLY A 1149 12.66 55.73 24.20
N ASN A 1150 11.80 56.03 25.17
CA ASN A 1150 11.90 55.38 26.48
C ASN A 1150 11.46 53.92 26.39
N ASP A 1151 11.81 53.17 27.43
CA ASP A 1151 11.43 51.76 27.49
C ASP A 1151 9.92 51.64 27.68
N LEU A 1152 9.31 50.77 26.89
CA LEU A 1152 7.86 50.60 26.89
C LEU A 1152 7.39 49.44 27.75
N LYS A 1153 8.30 48.74 28.44
CA LYS A 1153 7.88 47.61 29.26
C LYS A 1153 7.08 48.06 30.47
N GLU A 1154 7.49 49.16 31.10
CA GLU A 1154 6.76 49.64 32.28
C GLU A 1154 5.35 50.10 31.91
N ALA A 1155 5.20 50.81 30.79
CA ALA A 1155 3.87 51.23 30.35
C ALA A 1155 3.02 50.02 29.98
N ILE A 1156 3.62 49.03 29.30
CA ILE A 1156 2.87 47.84 28.91
C ILE A 1156 2.41 47.07 30.13
N LEU A 1157 3.29 46.95 31.14
CA LEU A 1157 2.99 46.25 32.38
C LEU A 1157 2.03 47.00 33.28
N SER A 1158 1.47 48.13 32.84
CA SER A 1158 0.51 48.90 33.63
C SER A 1158 -0.93 48.76 33.15
N GLN A 1159 -1.14 48.71 31.84
CA GLN A 1159 -2.49 48.57 31.30
C GLN A 1159 -3.06 47.21 31.66
N ASP A 1160 -4.34 47.20 32.06
CA ASP A 1160 -5.03 45.97 32.45
C ASP A 1160 -6.14 45.58 31.49
N ASP A 1161 -6.33 46.32 30.39
CA ASP A 1161 -7.38 46.00 29.44
C ASP A 1161 -7.08 44.66 28.77
N ALA A 1162 -8.09 43.79 28.74
CA ALA A 1162 -7.91 42.48 28.11
C ALA A 1162 -7.69 42.61 26.60
N ASP A 1163 -8.40 43.54 25.95
CA ASP A 1163 -8.28 43.69 24.51
C ASP A 1163 -6.91 44.20 24.11
N PHE A 1164 -6.30 45.07 24.92
CA PHE A 1164 -4.98 45.61 24.58
C PHE A 1164 -3.94 44.49 24.47
N PHE A 1165 -3.93 43.60 25.45
CA PHE A 1165 -2.95 42.50 25.42
C PHE A 1165 -3.26 41.52 24.31
N LYS A 1166 -4.54 41.38 23.94
CA LYS A 1166 -4.88 40.55 22.79
C LYS A 1166 -4.21 41.07 21.53
N SER A 1167 -4.35 42.37 21.26
CA SER A 1167 -3.73 42.96 20.08
C SER A 1167 -2.22 42.93 20.17
N LEU A 1168 -1.67 43.18 21.37
CA LEU A 1168 -0.22 43.14 21.52
C LEU A 1168 0.35 41.76 21.24
N LEU A 1169 -0.31 40.71 21.74
CA LEU A 1169 0.15 39.35 21.49
C LEU A 1169 -0.03 38.97 20.03
N HIS A 1170 -1.13 39.41 19.40
CA HIS A 1170 -1.32 39.14 17.99
C HIS A 1170 -0.22 39.79 17.14
N LEU A 1171 0.12 41.04 17.46
CA LEU A 1171 1.15 41.73 16.70
C LEU A 1171 2.53 41.15 16.97
N LEU A 1172 2.80 40.70 18.20
CA LEU A 1172 4.09 40.07 18.49
C LEU A 1172 4.20 38.72 17.80
N ARG A 1173 3.10 37.97 17.70
CA ARG A 1173 3.11 36.71 16.96
C ARG A 1173 3.23 36.96 15.47
N LEU A 1174 2.72 38.11 14.99
CA LEU A 1174 2.91 38.45 13.59
C LEU A 1174 4.37 38.76 13.28
N THR A 1175 5.05 39.47 14.19
CA THR A 1175 6.44 39.86 13.94
C THR A 1175 7.34 38.64 13.82
N LEU A 1176 7.17 37.66 14.68
CA LEU A 1176 7.99 36.46 14.65
C LEU A 1176 7.58 35.50 13.53
N GLN A 1177 6.48 35.77 12.84
CA GLN A 1177 6.07 34.95 11.72
C GLN A 1177 6.96 35.27 10.52
N MET A 1178 7.86 34.36 10.19
CA MET A 1178 8.81 34.59 9.11
C MET A 1178 8.24 34.14 7.77
N ARG A 1179 7.86 32.86 7.67
CA ARG A 1179 7.32 32.31 6.42
C ARG A 1179 5.87 32.76 6.28
N ASN A 1180 5.65 33.74 5.42
CA ASN A 1180 4.31 34.26 5.15
C ASN A 1180 4.04 34.18 3.66
N SER A 1181 2.90 33.59 3.29
CA SER A 1181 2.57 33.34 1.89
C SER A 1181 1.16 33.82 1.59
N ILE A 1182 1.01 34.40 0.40
CA ILE A 1182 -0.33 34.73 -0.10
C ILE A 1182 -1.00 33.45 -0.57
N THR A 1183 -2.22 33.21 -0.11
CA THR A 1183 -2.91 31.97 -0.44
C THR A 1183 -3.40 32.02 -1.88
N GLY A 1184 -3.04 30.99 -2.66
CA GLY A 1184 -3.48 30.88 -4.04
C GLY A 1184 -2.52 31.47 -5.06
N THR A 1185 -1.48 32.16 -4.63
CA THR A 1185 -0.50 32.76 -5.54
C THR A 1185 0.88 32.20 -5.25
N GLU A 1186 1.89 32.74 -5.91
CA GLU A 1186 3.27 32.29 -5.79
C GLU A 1186 4.11 33.23 -4.93
N ILE A 1187 3.46 34.12 -4.17
CA ILE A 1187 4.17 35.03 -3.29
C ILE A 1187 4.43 34.29 -1.99
N ASP A 1188 5.70 33.95 -1.75
CA ASP A 1188 6.10 33.19 -0.57
C ASP A 1188 7.55 33.55 -0.27
N TYR A 1189 7.76 34.37 0.76
CA TYR A 1189 9.09 34.86 1.08
C TYR A 1189 9.34 34.73 2.57
N ILE A 1190 10.62 34.75 2.93
CA ILE A 1190 11.07 34.65 4.32
C ILE A 1190 11.59 36.02 4.72
N ILE A 1191 10.83 36.72 5.54
CA ILE A 1191 11.29 37.96 6.14
C ILE A 1191 11.80 37.66 7.55
N SER A 1192 12.97 38.20 7.88
CA SER A 1192 13.60 37.93 9.15
C SER A 1192 13.46 39.12 10.07
N PRO A 1193 12.95 38.95 11.28
CA PRO A 1193 12.80 40.09 12.19
C PRO A 1193 14.11 40.49 12.85
N VAL A 1194 14.97 39.51 13.13
CA VAL A 1194 16.21 39.77 13.85
C VAL A 1194 17.23 40.42 12.92
N ALA A 1195 18.28 40.98 13.49
CA ALA A 1195 19.27 41.74 12.73
C ALA A 1195 20.24 40.80 12.02
N ASN A 1196 21.28 41.35 11.41
CA ASN A 1196 22.26 40.56 10.67
C ASN A 1196 23.70 40.98 10.99
N GLU A 1197 23.91 41.69 12.09
CA GLU A 1197 25.20 42.23 12.55
C GLU A 1197 25.66 43.41 11.72
N ASN A 1198 24.94 43.77 10.65
CA ASN A 1198 25.29 44.92 9.82
C ASN A 1198 24.07 45.79 9.53
N GLY A 1199 23.03 45.70 10.35
CA GLY A 1199 21.82 46.46 10.13
C GLY A 1199 21.04 46.03 8.90
N GLU A 1200 21.00 44.72 8.62
CA GLU A 1200 20.28 44.19 7.47
C GLU A 1200 19.29 43.14 7.94
N PHE A 1201 18.21 42.98 7.18
CA PHE A 1201 17.17 42.01 7.47
C PHE A 1201 16.98 41.12 6.25
N PHE A 1202 17.02 39.80 6.47
CA PHE A 1202 16.89 38.86 5.37
C PHE A 1202 15.52 38.98 4.71
N ASP A 1203 15.50 38.92 3.38
CA ASP A 1203 14.27 39.03 2.61
C ASP A 1203 14.47 38.26 1.32
N SER A 1204 13.79 37.13 1.18
CA SER A 1204 14.01 36.26 0.03
C SER A 1204 13.69 36.95 -1.28
N ARG A 1205 12.79 37.93 -1.26
CA ARG A 1205 12.50 38.69 -2.48
C ARG A 1205 13.72 39.49 -2.92
N LYS A 1206 14.40 40.13 -1.98
CA LYS A 1206 15.58 40.94 -2.28
C LYS A 1206 16.89 40.18 -2.10
N ALA A 1207 16.84 38.91 -1.70
CA ALA A 1207 18.04 38.14 -1.49
C ALA A 1207 18.70 37.77 -2.82
N ASP A 1208 20.02 37.67 -2.81
CA ASP A 1208 20.78 37.29 -3.99
C ASP A 1208 20.68 35.78 -4.17
N GLU A 1209 21.46 35.24 -5.12
CA GLU A 1209 21.41 33.81 -5.40
C GLU A 1209 22.22 32.98 -4.41
N SER A 1210 23.06 33.60 -3.58
CA SER A 1210 23.80 32.85 -2.58
C SER A 1210 22.87 32.30 -1.50
N LEU A 1211 21.96 33.12 -1.02
CA LEU A 1211 20.93 32.72 -0.08
C LEU A 1211 19.68 32.25 -0.84
N PRO A 1212 18.80 31.49 -0.19
CA PRO A 1212 17.59 31.03 -0.89
C PRO A 1212 16.76 32.20 -1.39
N LYS A 1213 16.22 32.05 -2.60
CA LYS A 1213 15.40 33.07 -3.23
C LYS A 1213 13.90 32.77 -3.09
N ASP A 1214 13.54 31.85 -2.20
CA ASP A 1214 12.16 31.48 -2.00
C ASP A 1214 11.99 31.03 -0.55
N ALA A 1215 10.74 31.04 -0.10
CA ALA A 1215 10.45 30.53 1.25
C ALA A 1215 10.51 29.03 1.32
N ASP A 1216 10.44 28.35 0.17
CA ASP A 1216 10.56 26.90 0.13
C ASP A 1216 12.01 26.44 -0.01
N ALA A 1217 12.84 27.21 -0.71
CA ALA A 1217 14.26 26.89 -0.78
C ALA A 1217 14.95 27.03 0.56
N ASN A 1218 14.33 27.74 1.52
CA ASN A 1218 14.89 27.85 2.86
C ASN A 1218 14.67 26.59 3.66
N GLY A 1219 13.73 25.73 3.25
CA GLY A 1219 13.52 24.47 3.93
C GLY A 1219 14.46 23.38 3.40
N ALA A 1220 14.83 23.49 2.13
CA ALA A 1220 15.81 22.59 1.55
C ALA A 1220 17.25 23.02 1.81
N TYR A 1221 17.48 24.33 1.95
CA TYR A 1221 18.81 24.82 2.29
C TYR A 1221 19.17 24.52 3.73
N HIS A 1222 18.18 24.37 4.61
CA HIS A 1222 18.43 24.04 6.01
C HIS A 1222 18.38 22.54 6.28
N ILE A 1223 18.07 21.73 5.27
CA ILE A 1223 18.32 20.29 5.36
C ILE A 1223 19.70 19.96 4.81
N ALA A 1224 20.09 20.59 3.71
CA ALA A 1224 21.47 20.46 3.23
C ALA A 1224 22.45 21.04 4.24
N ARG A 1225 22.03 22.04 5.02
CA ARG A 1225 22.88 22.56 6.07
C ARG A 1225 23.02 21.59 7.24
N LYS A 1226 22.04 20.70 7.43
CA LYS A 1226 22.21 19.63 8.41
C LYS A 1226 23.33 18.69 7.98
N GLY A 1227 23.48 18.46 6.68
CA GLY A 1227 24.54 17.60 6.19
C GLY A 1227 25.93 18.09 6.51
N LEU A 1228 26.10 19.42 6.58
CA LEU A 1228 27.41 19.97 6.96
C LEU A 1228 27.79 19.51 8.35
N TRP A 1229 26.83 19.45 9.27
CA TRP A 1229 27.12 18.93 10.60
C TRP A 1229 27.53 17.46 10.53
N VAL A 1230 26.92 16.69 9.64
CA VAL A 1230 27.29 15.29 9.47
C VAL A 1230 28.73 15.19 8.99
N LEU A 1231 29.12 16.02 8.03
CA LEU A 1231 30.49 16.00 7.53
C LEU A 1231 31.47 16.39 8.63
N GLU A 1232 31.12 17.41 9.43
CA GLU A 1232 32.01 17.81 10.52
C GLU A 1232 32.14 16.70 11.55
N GLN A 1233 31.04 16.01 11.86
CA GLN A 1233 31.12 14.89 12.80
C GLN A 1233 31.98 13.76 12.26
N ILE A 1234 31.86 13.47 10.96
CA ILE A 1234 32.70 12.43 10.35
C ILE A 1234 34.17 12.83 10.42
N LYS A 1235 34.47 14.11 10.12
CA LYS A 1235 35.85 14.57 10.17
C LYS A 1235 36.40 14.51 11.59
N GLN A 1236 35.57 14.83 12.58
CA GLN A 1236 36.00 14.96 13.96
C GLN A 1236 35.68 13.72 14.80
N THR A 1237 35.75 12.54 14.19
CA THR A 1237 35.54 11.29 14.90
C THR A 1237 36.74 10.38 14.71
N ASP A 1238 36.91 9.45 15.65
CA ASP A 1238 38.05 8.53 15.63
C ASP A 1238 37.66 7.06 15.59
N ASP A 1239 36.36 6.76 15.54
CA ASP A 1239 35.91 5.36 15.53
C ASP A 1239 35.72 4.83 14.11
N LEU A 1240 34.84 5.48 13.35
CA LEU A 1240 34.49 5.15 11.96
C LEU A 1240 33.71 3.84 11.85
N LYS A 1241 33.50 3.13 12.95
CA LYS A 1241 32.68 1.93 12.96
C LYS A 1241 31.46 2.04 13.85
N LYS A 1242 31.55 2.80 14.95
CA LYS A 1242 30.40 3.13 15.79
C LYS A 1242 30.41 4.64 15.96
N VAL A 1243 29.78 5.34 15.02
CA VAL A 1243 29.75 6.80 15.00
C VAL A 1243 28.30 7.25 15.01
N ASN A 1244 27.97 8.17 15.91
CA ASN A 1244 26.61 8.69 16.00
C ASN A 1244 26.33 9.62 14.84
N LEU A 1245 25.10 9.54 14.31
CA LEU A 1245 24.65 10.44 13.26
C LEU A 1245 23.22 10.91 13.52
N ALA A 1246 22.83 11.01 14.78
CA ALA A 1246 21.47 11.39 15.14
C ALA A 1246 21.41 12.89 15.37
N ILE A 1247 20.61 13.59 14.58
CA ILE A 1247 20.40 15.02 14.75
C ILE A 1247 19.41 15.24 15.88
N SER A 1248 19.80 16.04 16.86
CA SER A 1248 18.93 16.44 17.95
C SER A 1248 18.65 17.93 17.84
N ASN A 1249 17.41 18.32 18.13
CA ASN A 1249 17.01 19.71 18.01
C ASN A 1249 17.84 20.63 18.90
N LYS A 1250 18.42 20.10 19.98
CA LYS A 1250 19.24 20.92 20.86
C LYS A 1250 20.58 21.23 20.22
N GLU A 1251 21.34 20.19 19.85
CA GLU A 1251 22.70 20.39 19.35
C GLU A 1251 22.71 21.14 18.02
N TRP A 1252 21.78 20.82 17.12
CA TRP A 1252 21.77 21.47 15.82
C TRP A 1252 21.40 22.95 15.94
N LEU A 1253 20.55 23.30 16.89
CA LEU A 1253 20.22 24.70 17.10
C LEU A 1253 21.44 25.48 17.57
N GLU A 1254 22.24 24.88 18.45
CA GLU A 1254 23.51 25.51 18.82
C GLU A 1254 24.45 25.61 17.61
N PHE A 1255 24.42 24.60 16.75
CA PHE A 1255 25.29 24.61 15.57
C PHE A 1255 24.95 25.77 14.64
N VAL A 1256 23.66 25.90 14.30
CA VAL A 1256 23.27 26.91 13.31
C VAL A 1256 23.38 28.32 13.89
N GLN A 1257 22.93 28.50 15.13
CA GLN A 1257 22.88 29.82 15.74
C GLN A 1257 24.28 30.36 16.02
N GLU A 1258 27.16 27.91 15.92
CA GLU A 1258 27.53 29.28 15.61
C GLU A 1258 27.78 29.46 14.12
N ARG A 1259 26.94 30.26 13.47
CA ARG A 1259 27.07 30.52 12.05
C ARG A 1259 28.30 31.38 11.75
#